data_7F7Y
#
_entry.id   7F7Y
#
_cell.length_a   73.490
_cell.length_b   82.659
_cell.length_c   362.193
_cell.angle_alpha   90.00
_cell.angle_beta   90.00
_cell.angle_gamma   90.00
#
_symmetry.space_group_name_H-M   'C 2 2 21'
#
loop_
_entity.id
_entity.type
_entity.pdbx_description
1 polymer PitB
2 non-polymer 'IODIDE ION'
3 non-polymer 'SULFATE ION'
4 non-polymer 'POTASSIUM ION'
5 water water
#
_entity_poly.entity_id   1
_entity_poly.type   'polypeptide(L)'
_entity_poly.pdbx_seq_one_letter_code
;NSAITKANGENNAVVKINKTLNIAEGITTPTATFTFKFTEKTGQSSNGAPYQTGVAIPDRNVEYNKNDHPTADKIQKATE
DIFSGVAYGHAGEYVYDVAEAKTGWQAITKNGKTIDAMRYDKRTYEMHVIVKNKVNGGVYISSVYFKENNKSNAPKVESS
EQGVYNLFDNTYTKDASKEPNPDDPSQVDPNAKALTITKKVDGASGDKTRDFQFHIKIQLPSTNKTAETPVTNIIVKHGS
KSEVLAVVTPADTVEYNFTLKDGETFTVEQLPAGSKYTVTETGVAGYTDSSIYTTNGAEQTSQGQKNVDFTLTDILIGEK
KNDNKVTNKIDD
;
_entity_poly.pdbx_strand_id   A,B
#
loop_
_chem_comp.id
_chem_comp.type
_chem_comp.name
_chem_comp.formula
IOD non-polymer 'IODIDE ION' 'I -1'
K non-polymer 'POTASSIUM ION' 'K 1'
SO4 non-polymer 'SULFATE ION' 'O4 S -2'
#
# COMPACT_ATOMS: atom_id res chain seq x y z
N ASN A 1 29.68 -23.46 -49.21
CA ASN A 1 29.42 -22.89 -47.84
C ASN A 1 28.70 -21.55 -48.01
N SER A 2 27.44 -21.50 -47.60
CA SER A 2 26.56 -20.31 -47.69
C SER A 2 27.14 -19.11 -46.89
N ALA A 3 28.02 -19.36 -45.91
CA ALA A 3 28.60 -18.35 -44.99
C ALA A 3 29.62 -17.46 -45.72
N ILE A 4 30.16 -17.95 -46.84
CA ILE A 4 31.24 -17.30 -47.61
C ILE A 4 30.64 -16.47 -48.74
N THR A 5 30.91 -15.18 -48.83
CA THR A 5 30.49 -14.39 -50.02
C THR A 5 31.53 -14.59 -51.12
N LYS A 6 31.09 -15.07 -52.27
CA LYS A 6 31.96 -15.48 -53.40
C LYS A 6 31.75 -14.49 -54.55
N ALA A 7 32.80 -14.37 -55.34
CA ALA A 7 32.84 -13.60 -56.60
C ALA A 7 32.12 -14.38 -57.72
N ASN A 8 31.52 -13.65 -58.64
CA ASN A 8 31.19 -14.09 -60.03
C ASN A 8 32.42 -14.00 -60.97
N GLY A 9 32.99 -15.12 -61.42
CA GLY A 9 34.23 -15.14 -62.24
C GLY A 9 35.34 -14.35 -61.56
N GLU A 10 35.84 -13.26 -62.18
CA GLU A 10 37.01 -12.44 -61.68
C GLU A 10 36.51 -11.11 -61.12
N ASN A 11 35.23 -10.99 -60.82
CA ASN A 11 34.66 -9.75 -60.23
C ASN A 11 34.75 -9.81 -58.70
N ASN A 12 35.13 -8.71 -58.07
CA ASN A 12 35.25 -8.58 -56.61
C ASN A 12 33.95 -9.02 -55.93
N ALA A 13 34.06 -9.85 -54.92
CA ALA A 13 32.98 -10.10 -53.95
C ALA A 13 32.45 -8.77 -53.39
N VAL A 14 31.17 -8.72 -53.12
CA VAL A 14 30.52 -7.50 -52.57
C VAL A 14 29.99 -7.86 -51.19
N VAL A 15 30.48 -7.17 -50.16
CA VAL A 15 30.13 -7.44 -48.76
C VAL A 15 29.60 -6.15 -48.12
N LYS A 16 28.51 -6.29 -47.39
CA LYS A 16 27.94 -5.22 -46.56
C LYS A 16 27.72 -5.71 -45.14
N ILE A 17 27.89 -4.78 -44.21
CA ILE A 17 27.66 -5.00 -42.77
C ILE A 17 26.36 -4.29 -42.42
N ASN A 18 25.53 -5.05 -41.75
CA ASN A 18 24.17 -4.65 -41.32
C ASN A 18 24.19 -4.38 -39.83
N LYS A 19 23.66 -3.24 -39.43
CA LYS A 19 23.47 -2.86 -38.03
C LYS A 19 21.99 -3.15 -37.68
N THR A 20 21.77 -3.75 -36.54
CA THR A 20 20.43 -3.89 -35.96
C THR A 20 20.35 -2.96 -34.79
N LEU A 21 19.47 -1.96 -34.87
CA LEU A 21 19.15 -1.12 -33.69
C LEU A 21 17.82 -1.60 -33.07
N ASN A 22 17.85 -2.13 -31.86
CA ASN A 22 16.67 -2.52 -31.06
C ASN A 22 16.08 -1.28 -30.39
N ILE A 23 14.81 -1.06 -30.59
CA ILE A 23 14.13 0.16 -30.11
C ILE A 23 12.66 -0.22 -29.95
N ALA A 24 12.10 0.01 -28.78
CA ALA A 24 10.69 -0.36 -28.48
C ALA A 24 9.69 0.66 -29.09
N GLU A 25 8.40 0.47 -28.85
CA GLU A 25 7.33 1.33 -29.42
C GLU A 25 7.18 2.64 -28.60
N GLY A 26 6.56 3.69 -29.18
CA GLY A 26 6.35 5.00 -28.53
C GLY A 26 7.66 5.74 -28.41
N ILE A 27 8.63 5.47 -29.31
CA ILE A 27 9.97 6.10 -29.22
C ILE A 27 10.44 6.62 -30.60
N THR A 28 10.83 7.87 -30.67
CA THR A 28 11.43 8.49 -31.87
C THR A 28 12.87 7.99 -32.02
N THR A 29 13.24 7.44 -33.16
CA THR A 29 14.63 7.06 -33.45
C THR A 29 15.56 8.25 -33.20
N PRO A 30 16.61 8.10 -32.40
CA PRO A 30 17.55 9.19 -32.16
C PRO A 30 18.49 9.43 -33.35
N THR A 31 19.19 10.55 -33.33
CA THR A 31 20.36 10.76 -34.19
C THR A 31 21.50 9.87 -33.71
N ALA A 32 21.93 8.88 -34.49
CA ALA A 32 23.05 8.00 -34.15
C ALA A 32 23.79 7.58 -35.42
N THR A 33 25.10 7.66 -35.40
CA THR A 33 26.00 7.11 -36.41
C THR A 33 26.82 6.01 -35.75
N PHE A 34 26.73 4.81 -36.33
CA PHE A 34 27.55 3.65 -35.92
C PHE A 34 28.66 3.45 -36.96
N THR A 35 29.89 3.37 -36.48
CA THR A 35 31.11 3.29 -37.28
C THR A 35 31.76 1.92 -37.03
N PHE A 36 32.08 1.20 -38.10
CA PHE A 36 32.86 -0.04 -38.11
C PHE A 36 34.30 0.25 -38.58
N LYS A 37 35.27 -0.19 -37.78
CA LYS A 37 36.73 0.05 -37.99
C LYS A 37 37.38 -1.27 -38.40
N PHE A 38 38.31 -1.24 -39.35
CA PHE A 38 38.98 -2.47 -39.81
C PHE A 38 40.47 -2.40 -39.52
N THR A 39 40.93 -3.21 -38.58
CA THR A 39 42.35 -3.20 -38.16
C THR A 39 43.07 -4.43 -38.73
N GLU A 40 44.15 -4.22 -39.49
CA GLU A 40 45.00 -5.31 -40.06
C GLU A 40 45.44 -6.29 -38.97
N LYS A 41 45.41 -7.58 -39.29
CA LYS A 41 45.82 -8.63 -38.31
C LYS A 41 46.92 -9.54 -38.89
N THR A 42 47.98 -9.76 -38.13
CA THR A 42 49.03 -10.76 -38.53
C THR A 42 48.57 -12.16 -38.16
N GLY A 43 49.07 -13.18 -38.89
CA GLY A 43 48.91 -14.61 -38.60
C GLY A 43 49.41 -15.48 -39.75
N GLN A 44 48.93 -16.70 -39.82
CA GLN A 44 49.45 -17.68 -40.79
C GLN A 44 48.28 -18.38 -41.51
N SER A 45 48.19 -18.32 -42.84
CA SER A 45 47.23 -19.07 -43.67
C SER A 45 47.54 -20.57 -43.60
N SER A 46 46.63 -21.41 -44.07
CA SER A 46 46.73 -22.89 -43.94
C SER A 46 47.69 -23.41 -45.02
N ASN A 47 48.00 -22.58 -46.02
CA ASN A 47 48.99 -22.94 -47.06
C ASN A 47 50.40 -22.72 -46.50
N GLY A 48 50.53 -22.06 -45.35
CA GLY A 48 51.85 -21.85 -44.71
C GLY A 48 52.37 -20.44 -44.90
N ALA A 49 51.77 -19.63 -45.78
CA ALA A 49 52.21 -18.21 -45.98
C ALA A 49 51.58 -17.33 -44.93
N PRO A 50 52.27 -16.27 -44.49
CA PRO A 50 51.70 -15.35 -43.54
C PRO A 50 50.45 -14.69 -44.15
N TYR A 51 49.57 -14.19 -43.29
CA TYR A 51 48.51 -13.27 -43.74
C TYR A 51 49.21 -12.06 -44.37
N GLN A 52 48.70 -11.61 -45.52
CA GLN A 52 49.26 -10.45 -46.23
C GLN A 52 48.71 -9.18 -45.57
N THR A 53 49.43 -8.08 -45.68
CA THR A 53 49.08 -6.77 -45.08
C THR A 53 49.27 -5.63 -46.11
N GLY A 54 48.85 -4.43 -45.73
CA GLY A 54 49.26 -3.20 -46.37
C GLY A 54 48.17 -2.56 -47.16
N VAL A 55 46.95 -3.06 -47.04
CA VAL A 55 45.77 -2.49 -47.77
C VAL A 55 44.72 -2.05 -46.75
N ALA A 56 44.42 -0.78 -46.67
CA ALA A 56 43.47 -0.26 -45.67
C ALA A 56 42.03 -0.47 -46.18
N ILE A 57 41.12 -0.70 -45.28
CA ILE A 57 39.66 -0.50 -45.55
C ILE A 57 39.18 0.73 -44.81
N PRO A 58 38.53 1.68 -45.49
CA PRO A 58 37.99 2.86 -44.80
C PRO A 58 37.05 2.42 -43.67
N ASP A 59 36.98 3.20 -42.61
CA ASP A 59 35.86 3.18 -41.65
C ASP A 59 34.57 3.22 -42.46
N ARG A 60 33.59 2.41 -42.09
CA ARG A 60 32.26 2.38 -42.74
C ARG A 60 31.20 2.69 -41.70
N ASN A 61 30.12 3.36 -42.08
CA ASN A 61 29.12 3.82 -41.08
C ASN A 61 27.70 3.67 -41.61
N VAL A 62 26.79 3.59 -40.68
CA VAL A 62 25.31 3.58 -40.96
C VAL A 62 24.77 4.74 -40.13
N GLU A 63 23.78 5.46 -40.64
CA GLU A 63 23.25 6.66 -39.96
C GLU A 63 21.78 6.43 -39.64
N TYR A 64 21.38 6.81 -38.44
CA TYR A 64 19.97 6.74 -38.00
C TYR A 64 19.47 8.14 -37.71
N ASN A 65 18.21 8.41 -38.01
CA ASN A 65 17.56 9.70 -37.66
C ASN A 65 16.07 9.47 -37.38
N LYS A 66 15.33 10.56 -37.07
CA LYS A 66 13.89 10.51 -36.72
C LYS A 66 13.05 9.88 -37.86
N ASN A 67 13.53 9.84 -39.10
CA ASN A 67 12.75 9.29 -40.23
C ASN A 67 12.95 7.76 -40.42
N ASP A 68 13.76 7.09 -39.61
CA ASP A 68 13.80 5.60 -39.58
C ASP A 68 12.80 5.09 -38.55
N HIS A 69 12.08 4.04 -38.93
CA HIS A 69 10.96 3.45 -38.13
C HIS A 69 11.18 1.95 -38.01
N PRO A 70 10.94 1.38 -36.81
CA PRO A 70 11.15 -0.04 -36.58
C PRO A 70 10.07 -1.01 -37.12
N THR A 71 10.50 -2.24 -37.40
CA THR A 71 9.64 -3.44 -37.62
C THR A 71 10.08 -4.48 -36.61
N ALA A 72 9.12 -5.01 -35.85
CA ALA A 72 9.39 -6.03 -34.81
C ALA A 72 10.51 -5.51 -33.88
N ASP A 73 10.45 -4.23 -33.48
CA ASP A 73 11.31 -3.62 -32.44
C ASP A 73 12.77 -3.51 -32.95
N LYS A 74 12.99 -3.47 -34.26
CA LYS A 74 14.34 -3.22 -34.77
C LYS A 74 14.33 -2.41 -36.09
N ILE A 75 15.39 -1.64 -36.26
CA ILE A 75 15.71 -0.87 -37.48
C ILE A 75 17.03 -1.42 -38.02
N GLN A 76 16.96 -2.09 -39.15
CA GLN A 76 18.17 -2.66 -39.81
C GLN A 76 18.64 -1.72 -40.91
N LYS A 77 19.91 -1.31 -40.86
CA LYS A 77 20.55 -0.49 -41.91
C LYS A 77 21.94 -1.03 -42.21
N ALA A 78 22.23 -1.14 -43.50
CA ALA A 78 23.49 -1.71 -43.96
C ALA A 78 24.38 -0.61 -44.56
N THR A 79 25.68 -0.80 -44.38
CA THR A 79 26.69 0.05 -45.02
C THR A 79 26.56 -0.19 -46.53
N GLU A 80 27.22 0.60 -47.35
CA GLU A 80 27.47 0.22 -48.76
C GLU A 80 28.59 -0.82 -48.83
N ASP A 81 28.92 -1.31 -50.02
CA ASP A 81 30.03 -2.27 -50.24
C ASP A 81 31.27 -1.74 -49.53
N ILE A 82 31.77 -2.54 -48.59
CA ILE A 82 32.92 -2.16 -47.75
C ILE A 82 34.23 -2.12 -48.53
N PHE A 83 34.31 -2.78 -49.67
CA PHE A 83 35.50 -2.75 -50.54
C PHE A 83 35.35 -1.68 -51.63
N SER A 84 34.41 -0.77 -51.48
CA SER A 84 34.29 0.35 -52.46
C SER A 84 35.58 1.18 -52.45
N GLY A 85 36.27 1.24 -53.61
CA GLY A 85 37.54 1.98 -53.79
C GLY A 85 38.75 1.31 -53.14
N VAL A 86 38.63 0.07 -52.70
CA VAL A 86 39.77 -0.69 -52.12
C VAL A 86 40.34 -1.48 -53.29
N ALA A 87 41.64 -1.41 -53.52
CA ALA A 87 42.38 -2.22 -54.50
C ALA A 87 43.47 -2.96 -53.76
N TYR A 88 43.49 -4.28 -53.82
CA TYR A 88 44.67 -5.10 -53.49
C TYR A 88 45.72 -5.15 -54.66
N GLY A 89 46.98 -5.44 -54.32
CA GLY A 89 48.13 -5.40 -55.22
C GLY A 89 48.57 -6.81 -55.57
N HIS A 90 48.42 -7.74 -54.62
CA HIS A 90 48.90 -9.12 -54.83
C HIS A 90 48.11 -10.14 -54.00
N ALA A 91 48.14 -11.38 -54.45
CA ALA A 91 47.26 -12.44 -53.97
C ALA A 91 47.70 -12.85 -52.59
N GLY A 92 46.77 -13.42 -51.85
CA GLY A 92 46.98 -13.95 -50.49
C GLY A 92 45.78 -13.68 -49.60
N GLU A 93 45.91 -14.01 -48.32
CA GLU A 93 44.82 -13.92 -47.34
C GLU A 93 45.04 -12.66 -46.50
N TYR A 94 44.17 -11.70 -46.65
CA TYR A 94 44.19 -10.44 -45.86
C TYR A 94 43.13 -10.53 -44.76
N VAL A 95 43.58 -10.38 -43.54
CA VAL A 95 42.68 -10.55 -42.37
C VAL A 95 42.64 -9.22 -41.60
N TYR A 96 41.44 -8.86 -41.16
CA TYR A 96 41.15 -7.65 -40.34
C TYR A 96 40.29 -7.97 -39.13
N ASP A 97 40.58 -7.34 -37.97
CA ASP A 97 39.67 -7.25 -36.79
C ASP A 97 38.68 -6.14 -37.11
N VAL A 98 37.41 -6.50 -37.09
CA VAL A 98 36.30 -5.55 -37.34
C VAL A 98 35.58 -5.28 -36.01
N ALA A 99 35.48 -4.02 -35.62
CA ALA A 99 34.89 -3.65 -34.32
C ALA A 99 33.98 -2.45 -34.53
N GLU A 100 33.04 -2.25 -33.62
CA GLU A 100 32.17 -1.05 -33.63
C GLU A 100 32.70 0.00 -32.65
N ALA A 101 32.93 1.21 -33.12
CA ALA A 101 33.35 2.32 -32.26
C ALA A 101 32.22 2.67 -31.26
N LYS A 102 32.54 3.34 -30.16
CA LYS A 102 31.49 3.76 -29.20
C LYS A 102 31.17 5.23 -29.43
N THR A 103 31.12 5.66 -30.69
CA THR A 103 30.96 7.09 -31.03
C THR A 103 29.67 7.33 -31.81
N GLY A 104 29.30 8.59 -31.98
CA GLY A 104 28.28 9.00 -32.96
C GLY A 104 26.88 9.19 -32.40
N TRP A 105 26.74 9.19 -31.09
CA TRP A 105 25.46 9.36 -30.39
C TRP A 105 25.69 10.15 -29.10
N GLN A 106 24.75 11.02 -28.80
CA GLN A 106 24.76 11.76 -27.50
C GLN A 106 23.39 11.64 -26.87
N ALA A 107 23.40 11.51 -25.55
CA ALA A 107 22.16 11.41 -24.75
C ALA A 107 21.34 12.71 -24.87
N ILE A 108 20.01 12.60 -24.87
CA ILE A 108 19.09 13.74 -24.52
C ILE A 108 19.26 14.00 -23.02
N THR A 109 19.52 15.24 -22.63
CA THR A 109 19.85 15.58 -21.23
C THR A 109 19.01 16.79 -20.84
N LYS A 110 18.61 16.92 -19.59
CA LYS A 110 17.91 18.15 -19.09
C LYS A 110 18.20 18.31 -17.60
N ASN A 111 18.69 19.49 -17.17
CA ASN A 111 19.09 19.82 -15.76
C ASN A 111 20.11 18.78 -15.26
N GLY A 112 21.08 18.43 -16.11
CA GLY A 112 22.14 17.46 -15.79
C GLY A 112 21.63 16.03 -15.74
N LYS A 113 20.39 15.74 -16.18
CA LYS A 113 19.84 14.37 -16.11
C LYS A 113 19.58 13.80 -17.52
N THR A 114 20.15 12.64 -17.83
CA THR A 114 19.92 11.96 -19.13
C THR A 114 18.56 11.24 -19.15
N ILE A 115 17.82 11.22 -20.24
CA ILE A 115 16.56 10.43 -20.28
C ILE A 115 16.67 9.25 -21.24
N ASP A 116 17.81 9.03 -21.88
CA ASP A 116 17.91 7.88 -22.81
C ASP A 116 19.28 7.22 -22.69
N ALA A 117 19.48 6.13 -23.39
CA ALA A 117 20.72 5.35 -23.22
C ALA A 117 20.97 4.45 -24.43
N MET A 118 22.22 4.22 -24.75
CA MET A 118 22.58 3.42 -25.91
C MET A 118 23.55 2.30 -25.46
N ARG A 119 23.17 1.05 -25.74
CA ARG A 119 24.06 -0.10 -25.47
C ARG A 119 24.73 -0.45 -26.79
N TYR A 120 26.06 -0.37 -26.79
CA TYR A 120 26.96 -0.62 -27.94
C TYR A 120 27.38 -2.08 -27.93
N ASP A 121 27.39 -2.73 -29.06
CA ASP A 121 27.91 -4.11 -29.24
C ASP A 121 29.42 -4.15 -28.94
N LYS A 122 29.87 -5.07 -28.10
CA LYS A 122 31.30 -5.22 -27.75
C LYS A 122 31.92 -6.37 -28.51
N ARG A 123 31.15 -7.01 -29.40
CA ARG A 123 31.66 -8.17 -30.16
C ARG A 123 32.66 -7.68 -31.22
N THR A 124 33.72 -8.43 -31.44
CA THR A 124 34.63 -8.19 -32.60
C THR A 124 34.68 -9.43 -33.50
N TYR A 125 34.97 -9.21 -34.77
CA TYR A 125 35.05 -10.27 -35.77
C TYR A 125 36.42 -10.24 -36.46
N GLU A 126 36.75 -11.41 -37.00
CA GLU A 126 37.89 -11.59 -37.89
C GLU A 126 37.29 -11.59 -39.28
N MET A 127 37.59 -10.61 -40.16
CA MET A 127 37.17 -10.76 -41.56
C MET A 127 38.32 -11.35 -42.38
N HIS A 128 38.09 -12.44 -43.10
CA HIS A 128 39.10 -13.05 -44.02
C HIS A 128 38.79 -12.68 -45.47
N VAL A 129 39.73 -12.01 -46.12
CA VAL A 129 39.60 -11.55 -47.51
C VAL A 129 40.58 -12.36 -48.33
N ILE A 130 40.08 -13.27 -49.16
CA ILE A 130 40.88 -14.20 -50.00
C ILE A 130 41.05 -13.54 -51.38
N VAL A 131 42.25 -13.04 -51.61
CA VAL A 131 42.56 -12.33 -52.87
C VAL A 131 43.32 -13.30 -53.81
N LYS A 132 42.90 -13.35 -55.04
CA LYS A 132 43.48 -14.30 -55.99
C LYS A 132 43.93 -13.57 -57.23
N ASN A 133 44.83 -14.24 -57.96
CA ASN A 133 45.33 -13.82 -59.29
C ASN A 133 44.23 -13.93 -60.32
N LYS A 134 44.02 -12.89 -61.11
CA LYS A 134 43.35 -12.96 -62.42
C LYS A 134 44.31 -13.67 -63.38
N VAL A 135 43.80 -14.44 -64.34
CA VAL A 135 44.65 -15.24 -65.28
C VAL A 135 45.52 -14.30 -66.12
N ASN A 136 45.02 -13.13 -66.51
CA ASN A 136 45.75 -12.13 -67.35
C ASN A 136 46.51 -11.08 -66.53
N GLY A 137 46.60 -11.21 -65.22
CA GLY A 137 47.35 -10.23 -64.42
C GLY A 137 46.40 -9.41 -63.58
N GLY A 138 46.93 -8.88 -62.49
CA GLY A 138 46.13 -8.22 -61.44
C GLY A 138 45.45 -9.24 -60.55
N VAL A 139 44.67 -8.77 -59.59
CA VAL A 139 44.08 -9.66 -58.55
C VAL A 139 42.60 -9.33 -58.40
N TYR A 140 41.90 -10.12 -57.63
CA TYR A 140 40.47 -9.84 -57.37
C TYR A 140 40.13 -10.43 -56.01
N ILE A 141 39.05 -9.93 -55.43
CA ILE A 141 38.55 -10.47 -54.15
C ILE A 141 37.66 -11.65 -54.48
N SER A 142 38.12 -12.83 -54.15
CA SER A 142 37.52 -14.11 -54.56
C SER A 142 36.46 -14.54 -53.55
N SER A 143 36.80 -14.42 -52.28
CA SER A 143 35.87 -14.80 -51.21
C SER A 143 36.16 -14.02 -49.92
N VAL A 144 35.12 -13.86 -49.12
CA VAL A 144 35.17 -13.14 -47.82
C VAL A 144 34.29 -13.92 -46.85
N TYR A 145 34.76 -14.09 -45.62
CA TYR A 145 33.94 -14.63 -44.53
C TYR A 145 34.33 -13.92 -43.24
N PHE A 146 33.49 -14.10 -42.21
CA PHE A 146 33.71 -13.55 -40.86
C PHE A 146 33.67 -14.65 -39.80
N LYS A 147 34.52 -14.59 -38.79
CA LYS A 147 34.39 -15.39 -37.57
C LYS A 147 34.43 -14.45 -36.38
N GLU A 148 33.60 -14.69 -35.39
CA GLU A 148 33.61 -13.87 -34.16
C GLU A 148 34.89 -14.20 -33.41
N ASN A 149 35.61 -13.17 -32.92
CA ASN A 149 36.75 -13.25 -31.98
C ASN A 149 36.28 -13.69 -30.59
N ASN A 150 37.20 -14.29 -29.83
CA ASN A 150 37.12 -14.67 -28.38
C ASN A 150 35.95 -15.63 -28.18
N LYS A 151 35.76 -16.56 -29.10
CA LYS A 151 34.68 -17.58 -29.06
C LYS A 151 35.33 -18.92 -29.44
N SER A 152 35.27 -19.92 -28.56
CA SER A 152 35.87 -21.27 -28.74
C SER A 152 35.42 -21.88 -30.08
N ASN A 153 36.36 -22.30 -30.95
CA ASN A 153 36.05 -23.07 -32.19
C ASN A 153 34.92 -22.36 -32.93
N ALA A 154 35.13 -21.06 -33.15
CA ALA A 154 34.11 -20.15 -33.72
C ALA A 154 33.68 -20.63 -35.13
N PRO A 155 32.34 -20.74 -35.43
CA PRO A 155 31.91 -20.97 -36.81
C PRO A 155 31.90 -19.69 -37.68
N LYS A 156 31.79 -19.86 -38.98
CA LYS A 156 31.69 -18.72 -39.92
C LYS A 156 30.29 -18.12 -39.77
N VAL A 157 30.19 -16.79 -39.78
CA VAL A 157 28.92 -16.08 -39.57
C VAL A 157 28.12 -16.23 -40.87
N GLU A 158 26.88 -16.72 -40.76
CA GLU A 158 25.95 -16.81 -41.90
C GLU A 158 25.45 -15.41 -42.25
N SER A 159 25.45 -15.08 -43.53
CA SER A 159 24.83 -13.85 -44.06
C SER A 159 23.30 -13.88 -43.90
N SER A 160 22.67 -12.72 -43.77
CA SER A 160 21.21 -12.54 -43.61
C SER A 160 20.58 -12.60 -44.99
N GLU A 161 21.28 -12.08 -45.99
CA GLU A 161 20.93 -12.21 -47.43
C GLU A 161 22.25 -12.12 -48.22
N GLN A 162 22.20 -12.34 -49.54
CA GLN A 162 23.36 -12.27 -50.47
C GLN A 162 24.28 -11.07 -50.10
N GLY A 163 25.49 -11.37 -49.56
CA GLY A 163 26.58 -10.39 -49.27
C GLY A 163 26.36 -9.53 -48.02
N VAL A 164 25.21 -9.59 -47.37
CA VAL A 164 24.91 -8.76 -46.16
C VAL A 164 25.04 -9.59 -44.87
N TYR A 165 25.89 -9.12 -43.95
CA TYR A 165 26.18 -9.77 -42.65
C TYR A 165 25.71 -8.91 -41.48
N ASN A 166 24.86 -9.49 -40.63
CA ASN A 166 24.32 -8.86 -39.39
C ASN A 166 25.35 -8.99 -38.26
N LEU A 167 26.40 -8.20 -38.27
CA LEU A 167 27.51 -8.34 -37.29
C LEU A 167 27.20 -7.61 -35.96
N PHE A 168 26.57 -6.44 -36.05
CA PHE A 168 26.47 -5.50 -34.91
C PHE A 168 25.01 -5.21 -34.57
N ASP A 169 24.77 -5.26 -33.27
CA ASP A 169 23.47 -5.19 -32.58
C ASP A 169 23.60 -4.19 -31.42
N ASN A 170 22.81 -3.10 -31.50
CA ASN A 170 22.82 -2.04 -30.47
C ASN A 170 21.39 -1.81 -29.95
N THR A 171 21.27 -1.32 -28.74
CA THR A 171 19.96 -1.13 -28.10
C THR A 171 19.79 0.30 -27.58
N TYR A 172 18.76 0.99 -28.06
CA TYR A 172 18.35 2.32 -27.61
C TYR A 172 17.17 2.19 -26.64
N THR A 173 17.30 2.77 -25.46
CA THR A 173 16.19 2.87 -24.50
C THR A 173 15.95 4.33 -24.16
N LYS A 174 14.72 4.60 -23.73
CA LYS A 174 14.29 5.97 -23.39
C LYS A 174 13.22 5.93 -22.32
N ASP A 175 13.32 6.84 -21.37
CA ASP A 175 12.29 7.06 -20.34
C ASP A 175 10.90 7.43 -20.92
N ALA A 176 9.88 6.96 -20.24
CA ALA A 176 8.49 7.38 -20.50
C ALA A 176 8.24 8.85 -20.09
N SER A 177 7.38 9.54 -20.84
CA SER A 177 6.64 10.76 -20.41
C SER A 177 7.45 12.06 -20.34
N LYS A 178 8.73 12.02 -20.73
CA LYS A 178 9.64 13.18 -20.59
C LYS A 178 9.51 14.13 -21.79
N GLU A 179 8.74 13.77 -22.79
CA GLU A 179 8.50 14.68 -23.96
C GLU A 179 6.99 14.98 -24.07
N PRO A 180 6.44 15.80 -23.15
CA PRO A 180 5.00 16.00 -23.06
C PRO A 180 4.38 16.83 -24.20
N ASN A 181 5.18 17.62 -24.92
CA ASN A 181 4.65 18.59 -25.91
C ASN A 181 4.74 17.96 -27.29
N PRO A 182 3.61 17.56 -27.91
CA PRO A 182 3.71 16.79 -29.15
C PRO A 182 4.16 17.65 -30.34
N ASP A 183 4.00 18.99 -30.29
CA ASP A 183 4.50 19.93 -31.34
C ASP A 183 6.00 20.21 -31.18
N ASP A 184 6.63 19.83 -30.07
CA ASP A 184 8.03 20.22 -29.80
C ASP A 184 8.67 19.22 -28.85
N PRO A 185 9.30 18.15 -29.37
CA PRO A 185 10.02 17.21 -28.49
C PRO A 185 11.23 17.80 -27.75
N SER A 186 11.77 18.95 -28.15
CA SER A 186 12.85 19.67 -27.43
C SER A 186 12.40 20.23 -26.07
N GLN A 187 11.10 20.48 -25.82
CA GLN A 187 10.61 20.95 -24.50
C GLN A 187 10.50 19.72 -23.57
N VAL A 188 11.62 19.30 -22.99
CA VAL A 188 11.79 18.09 -22.13
C VAL A 188 11.42 18.46 -20.71
N ASP A 189 10.60 17.62 -20.07
CA ASP A 189 10.20 17.79 -18.65
C ASP A 189 10.83 16.65 -17.88
N PRO A 190 11.93 16.91 -17.18
CA PRO A 190 12.71 15.81 -16.58
C PRO A 190 12.04 15.21 -15.33
N ASN A 191 11.06 15.89 -14.73
CA ASN A 191 10.36 15.51 -13.46
C ASN A 191 9.06 14.75 -13.75
N ALA A 192 8.70 14.57 -15.01
CA ALA A 192 7.42 13.94 -15.38
C ALA A 192 7.38 12.51 -14.85
N LYS A 193 6.22 12.03 -14.39
CA LYS A 193 6.09 10.64 -13.90
C LYS A 193 5.76 9.75 -15.09
N ALA A 194 6.12 8.49 -15.04
CA ALA A 194 5.89 7.51 -16.13
C ALA A 194 4.39 7.40 -16.35
N LEU A 195 3.61 7.12 -15.34
CA LEU A 195 2.14 6.91 -15.51
C LEU A 195 1.39 7.36 -14.25
N THR A 196 0.27 8.05 -14.42
CA THR A 196 -0.72 8.37 -13.33
C THR A 196 -2.07 7.76 -13.68
N ILE A 197 -2.75 7.16 -12.70
CA ILE A 197 -4.17 6.73 -12.81
C ILE A 197 -4.92 7.44 -11.68
N THR A 198 -5.93 8.24 -12.01
CA THR A 198 -6.75 9.05 -11.09
C THR A 198 -8.16 8.45 -11.06
N LYS A 199 -8.76 8.43 -9.89
CA LYS A 199 -10.12 7.94 -9.71
C LYS A 199 -11.00 9.15 -9.46
N LYS A 200 -12.12 9.16 -10.16
CA LYS A 200 -13.26 10.10 -9.95
C LYS A 200 -14.53 9.26 -9.71
N VAL A 201 -15.33 9.69 -8.76
CA VAL A 201 -16.71 9.18 -8.58
C VAL A 201 -17.67 10.25 -9.06
N ASP A 202 -18.60 9.87 -9.94
CA ASP A 202 -19.57 10.78 -10.61
C ASP A 202 -20.98 10.36 -10.18
N GLY A 203 -21.67 11.25 -9.48
CA GLY A 203 -23.08 11.06 -9.10
C GLY A 203 -23.34 11.61 -7.72
N ALA A 204 -24.47 12.28 -7.56
CA ALA A 204 -24.96 12.72 -6.25
C ALA A 204 -25.00 11.52 -5.29
N SER A 205 -25.15 10.28 -5.77
CA SER A 205 -25.27 9.05 -4.92
C SER A 205 -23.97 8.24 -4.83
N GLY A 206 -22.90 8.75 -5.44
CA GLY A 206 -21.59 8.07 -5.47
C GLY A 206 -20.92 8.15 -4.12
N ASP A 207 -20.33 7.03 -3.70
CA ASP A 207 -19.64 6.89 -2.39
C ASP A 207 -18.21 7.42 -2.55
N LYS A 208 -17.93 8.60 -2.01
CA LYS A 208 -16.65 9.29 -2.15
C LYS A 208 -15.73 8.99 -0.98
N THR A 209 -16.02 7.98 -0.15
CA THR A 209 -15.09 7.54 0.92
C THR A 209 -14.69 6.09 0.71
N ARG A 210 -15.38 5.33 -0.13
CA ARG A 210 -14.98 3.93 -0.23
C ARG A 210 -13.74 3.78 -1.14
N ASP A 211 -13.13 2.61 -0.99
CA ASP A 211 -12.02 2.13 -1.85
C ASP A 211 -12.59 1.39 -3.03
N PHE A 212 -12.04 1.65 -4.21
CA PHE A 212 -12.31 0.90 -5.45
C PHE A 212 -11.06 0.06 -5.68
N GLN A 213 -11.22 -1.20 -6.05
CA GLN A 213 -10.07 -2.13 -6.15
C GLN A 213 -9.50 -2.22 -7.57
N PHE A 214 -8.18 -2.10 -7.65
CA PHE A 214 -7.45 -2.17 -8.93
C PHE A 214 -6.38 -3.26 -8.92
N HIS A 215 -6.17 -3.87 -10.09
CA HIS A 215 -5.01 -4.74 -10.38
C HIS A 215 -4.31 -4.18 -11.62
N ILE A 216 -2.99 -3.95 -11.56
CA ILE A 216 -2.21 -3.50 -12.75
C ILE A 216 -1.11 -4.53 -13.04
N LYS A 217 -0.91 -4.83 -14.32
CA LYS A 217 0.21 -5.59 -14.83
C LYS A 217 1.02 -4.71 -15.78
N ILE A 218 2.32 -4.55 -15.53
CA ILE A 218 3.19 -3.74 -16.41
C ILE A 218 4.12 -4.69 -17.19
N GLN A 219 4.12 -4.63 -18.51
CA GLN A 219 5.03 -5.39 -19.38
C GLN A 219 6.12 -4.42 -19.86
N LEU A 220 7.33 -4.62 -19.39
CA LEU A 220 8.51 -3.83 -19.82
C LEU A 220 8.83 -4.28 -21.22
N PRO A 221 9.40 -3.41 -22.09
CA PRO A 221 9.57 -3.77 -23.49
C PRO A 221 10.69 -4.80 -23.66
N SER A 222 10.72 -5.47 -24.82
CA SER A 222 11.75 -6.49 -25.16
C SER A 222 13.16 -5.88 -25.07
N THR A 223 13.33 -4.59 -25.30
CA THR A 223 14.64 -3.90 -25.26
C THR A 223 15.18 -3.78 -23.84
N ASN A 224 14.40 -3.96 -22.80
CA ASN A 224 14.92 -3.94 -21.41
C ASN A 224 15.99 -5.05 -21.20
N LYS A 225 15.83 -6.24 -21.74
CA LYS A 225 16.82 -7.35 -21.60
C LYS A 225 18.21 -6.95 -22.14
N THR A 226 18.27 -6.13 -23.19
CA THR A 226 19.51 -5.74 -23.87
C THR A 226 19.86 -4.28 -23.57
N ALA A 227 19.24 -3.65 -22.56
CA ALA A 227 19.41 -2.20 -22.30
C ALA A 227 20.79 -1.95 -21.73
N GLU A 228 21.32 -0.73 -21.85
CA GLU A 228 22.61 -0.41 -21.19
C GLU A 228 22.51 -0.82 -19.72
N THR A 229 21.40 -0.47 -19.08
CA THR A 229 21.12 -0.72 -17.63
C THR A 229 19.70 -1.29 -17.53
N PRO A 230 19.49 -2.63 -17.58
CA PRO A 230 18.14 -3.17 -17.52
C PRO A 230 17.45 -2.69 -16.24
N VAL A 231 16.16 -2.38 -16.36
CA VAL A 231 15.31 -2.11 -15.18
C VAL A 231 14.96 -3.44 -14.45
N THR A 232 15.22 -3.50 -13.15
CA THR A 232 15.00 -4.66 -12.27
C THR A 232 14.01 -4.35 -11.12
N ASN A 233 13.64 -3.09 -10.95
CA ASN A 233 12.72 -2.63 -9.86
C ASN A 233 11.98 -1.38 -10.34
N ILE A 234 10.72 -1.22 -9.98
CA ILE A 234 10.00 0.07 -10.20
C ILE A 234 9.47 0.63 -8.87
N ILE A 235 9.09 1.88 -8.84
CA ILE A 235 8.60 2.50 -7.58
C ILE A 235 7.18 2.94 -7.83
N VAL A 236 6.26 2.52 -7.00
CA VAL A 236 4.83 2.93 -7.17
C VAL A 236 4.40 3.74 -5.95
N LYS A 237 3.48 4.68 -6.15
CA LYS A 237 2.98 5.57 -5.08
C LYS A 237 1.47 5.67 -5.14
N HIS A 238 0.79 5.46 -4.02
CA HIS A 238 -0.69 5.62 -3.89
C HIS A 238 -1.02 6.09 -2.47
N GLY A 239 -1.92 7.08 -2.33
CA GLY A 239 -2.18 7.73 -1.03
C GLY A 239 -0.87 8.11 -0.36
N SER A 240 -0.59 7.54 0.80
CA SER A 240 0.63 7.84 1.58
C SER A 240 1.73 6.80 1.34
N LYS A 241 1.41 5.75 0.59
CA LYS A 241 2.31 4.57 0.45
C LYS A 241 3.26 4.73 -0.76
N SER A 242 4.51 4.32 -0.59
CA SER A 242 5.50 4.23 -1.68
C SER A 242 6.15 2.86 -1.59
N GLU A 243 6.08 2.08 -2.65
CA GLU A 243 6.62 0.70 -2.63
C GLU A 243 7.58 0.45 -3.79
N VAL A 244 8.66 -0.28 -3.51
CA VAL A 244 9.62 -0.79 -4.54
C VAL A 244 9.17 -2.19 -4.91
N LEU A 245 8.76 -2.40 -6.15
CA LEU A 245 8.29 -3.68 -6.69
C LEU A 245 9.37 -4.24 -7.60
N ALA A 246 9.71 -5.50 -7.40
CA ALA A 246 10.67 -6.25 -8.21
C ALA A 246 10.12 -6.53 -9.61
N VAL A 247 10.97 -6.51 -10.61
CA VAL A 247 10.58 -6.98 -11.96
C VAL A 247 10.79 -8.49 -12.04
N VAL A 248 9.76 -9.25 -12.37
CA VAL A 248 9.79 -10.72 -12.49
C VAL A 248 10.40 -11.06 -13.83
N THR A 249 11.45 -11.88 -13.83
CA THR A 249 12.16 -12.36 -15.06
C THR A 249 11.97 -13.86 -15.18
N PRO A 250 11.99 -14.46 -16.40
CA PRO A 250 12.21 -13.70 -17.65
C PRO A 250 11.01 -12.98 -18.34
N ALA A 251 9.79 -13.06 -17.84
CA ALA A 251 8.65 -12.33 -18.46
C ALA A 251 8.88 -10.79 -18.55
N ASP A 252 9.66 -10.18 -17.66
CA ASP A 252 9.89 -8.72 -17.55
C ASP A 252 8.56 -8.04 -17.22
N THR A 253 7.93 -8.47 -16.14
CA THR A 253 6.57 -8.00 -15.79
C THR A 253 6.51 -7.58 -14.32
N VAL A 254 5.55 -6.75 -13.96
CA VAL A 254 5.21 -6.41 -12.54
C VAL A 254 3.67 -6.47 -12.38
N GLU A 255 3.18 -7.19 -11.37
CA GLU A 255 1.74 -7.27 -11.03
C GLU A 255 1.51 -6.64 -9.66
N TYR A 256 0.46 -5.87 -9.51
CA TYR A 256 0.24 -5.10 -8.24
C TYR A 256 -1.24 -4.80 -8.01
N ASN A 257 -1.71 -4.99 -6.78
CA ASN A 257 -3.04 -4.61 -6.31
C ASN A 257 -2.94 -3.32 -5.51
N PHE A 258 -3.86 -2.43 -5.71
CA PHE A 258 -3.92 -1.14 -4.98
C PHE A 258 -5.37 -0.70 -4.97
N THR A 259 -5.67 0.22 -4.08
CA THR A 259 -7.01 0.84 -3.98
C THR A 259 -6.91 2.32 -4.28
N LEU A 260 -7.99 2.89 -4.82
CA LEU A 260 -8.19 4.34 -4.93
C LEU A 260 -9.59 4.68 -4.42
N LYS A 261 -9.66 5.79 -3.70
CA LYS A 261 -10.92 6.51 -3.41
C LYS A 261 -11.13 7.60 -4.46
N ASP A 262 -12.30 8.24 -4.43
CA ASP A 262 -12.50 9.49 -5.22
C ASP A 262 -11.35 10.48 -4.97
N GLY A 263 -10.82 11.08 -6.03
CA GLY A 263 -9.77 12.11 -5.92
C GLY A 263 -8.36 11.52 -5.85
N GLU A 264 -8.16 10.23 -5.65
CA GLU A 264 -6.83 9.71 -5.32
C GLU A 264 -6.09 9.36 -6.62
N THR A 265 -4.76 9.28 -6.57
CA THR A 265 -3.91 8.96 -7.73
C THR A 265 -2.97 7.79 -7.43
N PHE A 266 -2.84 6.84 -8.37
CA PHE A 266 -1.74 5.85 -8.42
C PHE A 266 -0.67 6.36 -9.40
N THR A 267 0.59 6.27 -9.02
CA THR A 267 1.72 6.79 -9.80
C THR A 267 2.80 5.73 -9.96
N VAL A 268 3.29 5.51 -11.16
CA VAL A 268 4.55 4.75 -11.38
C VAL A 268 5.63 5.80 -11.63
N GLU A 269 6.69 5.82 -10.83
CA GLU A 269 7.71 6.91 -10.88
C GLU A 269 8.46 6.92 -12.23
N GLN A 270 9.07 5.78 -12.62
CA GLN A 270 9.95 5.71 -13.83
C GLN A 270 9.71 4.40 -14.55
N LEU A 271 9.57 4.44 -15.86
CA LEU A 271 9.44 3.25 -16.72
C LEU A 271 10.13 3.54 -18.04
N PRO A 272 10.65 2.50 -18.74
CA PRO A 272 11.07 2.66 -20.14
C PRO A 272 9.85 2.91 -21.03
N ALA A 273 9.96 3.89 -21.93
CA ALA A 273 9.02 4.03 -23.06
C ALA A 273 8.98 2.67 -23.80
N GLY A 274 7.80 2.29 -24.30
CA GLY A 274 7.53 0.97 -24.92
C GLY A 274 6.95 -0.04 -23.92
N SER A 275 6.94 0.33 -22.63
CA SER A 275 6.25 -0.45 -21.62
C SER A 275 4.76 -0.46 -21.99
N LYS A 276 4.06 -1.48 -21.59
CA LYS A 276 2.61 -1.62 -21.80
C LYS A 276 1.95 -1.95 -20.47
N TYR A 277 0.70 -1.51 -20.25
CA TYR A 277 -0.02 -1.90 -19.03
C TYR A 277 -1.45 -2.41 -19.31
N THR A 278 -1.90 -3.24 -18.38
CA THR A 278 -3.27 -3.79 -18.35
C THR A 278 -3.77 -3.48 -16.95
N VAL A 279 -4.89 -2.77 -16.84
CA VAL A 279 -5.45 -2.36 -15.54
C VAL A 279 -6.90 -2.85 -15.45
N THR A 280 -7.25 -3.51 -14.35
CA THR A 280 -8.59 -4.06 -14.09
C THR A 280 -9.18 -3.36 -12.87
N GLU A 281 -10.30 -2.64 -12.98
CA GLU A 281 -11.05 -2.26 -11.77
C GLU A 281 -12.19 -3.28 -11.51
N THR A 282 -12.28 -3.75 -10.27
CA THR A 282 -13.31 -4.72 -9.82
C THR A 282 -14.72 -4.09 -9.89
N GLY A 283 -15.65 -4.82 -10.46
CA GLY A 283 -17.08 -4.46 -10.49
C GLY A 283 -17.62 -4.09 -9.13
N VAL A 284 -18.36 -2.99 -9.05
CA VAL A 284 -19.13 -2.66 -7.82
C VAL A 284 -20.61 -2.44 -8.17
N ALA A 285 -21.51 -2.94 -7.33
CA ALA A 285 -22.97 -2.83 -7.55
C ALA A 285 -23.35 -1.36 -7.74
N GLY A 286 -24.09 -1.05 -8.79
CA GLY A 286 -24.53 0.33 -9.06
C GLY A 286 -23.61 1.10 -10.01
N TYR A 287 -22.32 0.79 -10.10
CA TYR A 287 -21.35 1.69 -10.76
C TYR A 287 -21.09 1.19 -12.17
N THR A 288 -21.05 2.12 -13.11
CA THR A 288 -20.55 1.87 -14.49
C THR A 288 -19.23 2.66 -14.63
N ASP A 289 -18.14 1.96 -14.93
CA ASP A 289 -16.80 2.60 -15.03
C ASP A 289 -16.52 3.06 -16.47
N SER A 290 -15.70 4.08 -16.62
CA SER A 290 -15.30 4.64 -17.92
C SER A 290 -13.89 5.22 -17.79
N SER A 291 -13.20 5.42 -18.92
CA SER A 291 -11.81 5.94 -18.90
C SER A 291 -11.52 6.99 -19.97
N ILE A 292 -10.80 8.04 -19.58
CA ILE A 292 -10.24 8.97 -20.58
C ILE A 292 -8.74 8.92 -20.37
N TYR A 293 -8.01 8.42 -21.34
CA TYR A 293 -6.59 8.13 -21.14
C TYR A 293 -5.75 8.64 -22.31
N THR A 294 -4.52 9.02 -21.98
CA THR A 294 -3.49 9.49 -22.92
C THR A 294 -2.42 8.41 -23.00
N THR A 295 -2.24 7.84 -24.19
CA THR A 295 -1.29 6.79 -24.50
C THR A 295 -0.32 7.39 -25.50
N ASN A 296 0.88 7.72 -25.04
CA ASN A 296 1.98 8.31 -25.85
C ASN A 296 1.42 9.54 -26.55
N GLY A 297 0.73 10.38 -25.78
CA GLY A 297 0.23 11.67 -26.27
C GLY A 297 -1.10 11.58 -26.97
N ALA A 298 -1.61 10.40 -27.34
CA ALA A 298 -2.94 10.24 -27.99
C ALA A 298 -4.07 10.07 -26.96
N GLU A 299 -5.12 10.88 -27.03
CA GLU A 299 -6.32 10.81 -26.15
C GLU A 299 -7.26 9.72 -26.66
N GLN A 300 -7.61 8.74 -25.82
CA GLN A 300 -8.55 7.66 -26.16
C GLN A 300 -9.56 7.52 -25.02
N THR A 301 -10.57 6.70 -25.26
CA THR A 301 -11.68 6.50 -24.30
C THR A 301 -12.02 5.03 -24.29
N SER A 302 -12.56 4.58 -23.19
CA SER A 302 -13.16 3.25 -23.09
C SER A 302 -14.37 3.32 -22.14
N GLN A 303 -15.41 2.57 -22.44
CA GLN A 303 -16.72 2.53 -21.71
C GLN A 303 -16.85 1.11 -21.12
N GLY A 304 -17.08 1.04 -19.80
CA GLY A 304 -17.38 -0.20 -19.07
C GLY A 304 -18.87 -0.51 -19.08
N GLN A 305 -19.22 -1.63 -18.48
CA GLN A 305 -20.63 -2.06 -18.32
C GLN A 305 -20.95 -2.07 -16.83
N LYS A 306 -22.23 -2.01 -16.49
CA LYS A 306 -22.64 -1.86 -15.08
C LYS A 306 -22.23 -3.10 -14.28
N ASN A 307 -21.56 -2.87 -13.16
CA ASN A 307 -21.24 -3.88 -12.14
C ASN A 307 -20.45 -5.04 -12.80
N VAL A 308 -19.53 -4.73 -13.70
CA VAL A 308 -18.65 -5.78 -14.32
C VAL A 308 -17.23 -5.23 -14.33
N ASP A 309 -16.26 -6.09 -14.10
CA ASP A 309 -14.82 -5.74 -14.02
C ASP A 309 -14.55 -4.88 -15.25
N PHE A 310 -13.95 -3.72 -15.07
CA PHE A 310 -13.57 -2.83 -16.20
C PHE A 310 -12.09 -3.04 -16.54
N THR A 311 -11.79 -3.50 -17.75
CA THR A 311 -10.41 -3.83 -18.19
C THR A 311 -10.01 -2.96 -19.37
N LEU A 312 -8.85 -2.34 -19.27
CA LEU A 312 -8.04 -1.77 -20.38
C LEU A 312 -6.82 -2.64 -20.65
N THR A 313 -6.61 -3.09 -21.88
CA THR A 313 -5.54 -4.09 -22.20
C THR A 313 -4.40 -3.53 -23.10
N ASP A 314 -3.17 -3.87 -22.81
CA ASP A 314 -1.96 -3.56 -23.64
C ASP A 314 -1.95 -2.09 -24.01
N ILE A 315 -2.02 -1.20 -23.02
CA ILE A 315 -1.96 0.27 -23.27
C ILE A 315 -0.48 0.66 -23.32
N LEU A 316 -0.08 1.29 -24.41
CA LEU A 316 1.32 1.73 -24.63
C LEU A 316 1.61 2.92 -23.71
N ILE A 317 2.75 2.85 -23.04
CA ILE A 317 3.40 3.94 -22.25
C ILE A 317 4.58 4.45 -23.09
N GLY A 318 4.41 5.59 -23.76
CA GLY A 318 5.43 6.11 -24.71
C GLY A 318 6.25 7.26 -24.12
N GLU A 319 7.02 7.92 -25.01
CA GLU A 319 7.91 9.03 -24.69
C GLU A 319 7.07 10.29 -24.43
N LYS A 320 5.85 10.37 -24.96
CA LYS A 320 4.98 11.57 -24.82
C LYS A 320 4.09 11.36 -23.58
N LYS A 321 3.08 12.19 -23.37
CA LYS A 321 2.24 12.10 -22.14
C LYS A 321 1.61 10.71 -21.91
N ASN A 322 1.57 10.26 -20.68
CA ASN A 322 0.85 9.00 -20.29
C ASN A 322 0.05 9.20 -19.02
N ASP A 323 -1.27 9.02 -19.05
CA ASP A 323 -2.16 9.27 -17.88
C ASP A 323 -3.48 8.53 -18.12
N ASN A 324 -4.28 8.46 -17.09
CA ASN A 324 -5.55 7.67 -17.13
C ASN A 324 -6.49 8.19 -16.04
N LYS A 325 -7.64 8.74 -16.43
CA LYS A 325 -8.73 9.13 -15.51
C LYS A 325 -9.81 8.07 -15.57
N VAL A 326 -9.98 7.35 -14.48
CA VAL A 326 -11.07 6.35 -14.43
C VAL A 326 -12.25 6.98 -13.70
N THR A 327 -13.39 6.94 -14.34
CA THR A 327 -14.60 7.53 -13.73
C THR A 327 -15.57 6.41 -13.35
N ASN A 328 -15.97 6.46 -12.10
CA ASN A 328 -17.06 5.59 -11.63
C ASN A 328 -18.36 6.30 -11.52
N LYS A 329 -19.30 5.91 -12.35
CA LYS A 329 -20.61 6.61 -12.42
C LYS A 329 -21.71 5.77 -11.79
N ILE A 330 -22.57 6.42 -11.01
CA ILE A 330 -23.82 5.77 -10.46
C ILE A 330 -25.03 6.70 -10.69
N ASP A 331 -26.16 6.13 -11.07
CA ASP A 331 -27.45 6.86 -11.23
C ASP A 331 -28.01 7.22 -9.86
N ASP A 332 -28.83 8.26 -9.81
CA ASP A 332 -29.47 8.69 -8.54
C ASP A 332 -30.39 7.56 -8.01
N ASN B 1 -25.79 13.54 58.26
CA ASN B 1 -25.60 12.34 57.37
C ASN B 1 -25.45 12.84 55.93
N SER B 2 -24.25 12.76 55.37
CA SER B 2 -23.91 13.29 54.03
C SER B 2 -24.58 12.46 52.94
N ALA B 3 -25.01 11.23 53.26
CA ALA B 3 -25.72 10.32 52.35
C ALA B 3 -27.17 10.81 52.02
N ILE B 4 -27.72 11.71 52.84
CA ILE B 4 -29.12 12.20 52.69
C ILE B 4 -29.07 13.56 51.98
N THR B 5 -29.77 13.72 50.87
CA THR B 5 -29.94 15.05 50.22
C THR B 5 -31.10 15.77 50.95
N LYS B 6 -30.81 16.93 51.52
CA LYS B 6 -31.78 17.61 52.38
C LYS B 6 -32.29 18.84 51.64
N ALA B 7 -33.52 19.18 51.95
CA ALA B 7 -34.13 20.45 51.52
C ALA B 7 -33.38 21.64 52.16
N ASN B 8 -33.32 22.74 51.42
CA ASN B 8 -33.02 24.10 51.92
C ASN B 8 -34.31 24.79 52.43
N GLY B 9 -34.51 24.92 53.74
CA GLY B 9 -35.78 25.38 54.35
C GLY B 9 -36.98 24.54 53.85
N GLU B 10 -38.01 25.15 53.23
CA GLU B 10 -39.20 24.40 52.74
C GLU B 10 -39.12 24.23 51.21
N ASN B 11 -37.91 24.32 50.63
CA ASN B 11 -37.73 24.08 49.15
C ASN B 11 -37.44 22.60 48.88
N ASN B 12 -37.93 22.09 47.78
CA ASN B 12 -37.78 20.67 47.35
C ASN B 12 -36.29 20.32 47.23
N ALA B 13 -35.90 19.20 47.81
CA ALA B 13 -34.60 18.58 47.54
C ALA B 13 -34.42 18.40 46.04
N VAL B 14 -33.20 18.55 45.54
CA VAL B 14 -32.79 18.36 44.12
C VAL B 14 -31.88 17.12 44.11
N VAL B 15 -32.27 16.09 43.35
CA VAL B 15 -31.50 14.85 43.22
C VAL B 15 -31.31 14.57 41.73
N LYS B 16 -30.09 14.21 41.36
CA LYS B 16 -29.75 13.74 39.99
C LYS B 16 -29.06 12.39 40.09
N ILE B 17 -29.27 11.54 39.11
CA ILE B 17 -28.57 10.25 38.98
C ILE B 17 -27.50 10.40 37.89
N ASN B 18 -26.29 10.00 38.26
CA ASN B 18 -25.07 9.98 37.44
C ASN B 18 -24.81 8.58 36.88
N LYS B 19 -24.70 8.47 35.59
CA LYS B 19 -24.29 7.23 34.89
C LYS B 19 -22.78 7.31 34.67
N THR B 20 -22.08 6.25 35.00
CA THR B 20 -20.68 6.03 34.62
C THR B 20 -20.62 5.03 33.46
N LEU B 21 -20.19 5.48 32.28
CA LEU B 21 -19.85 4.63 31.13
C LEU B 21 -18.34 4.43 31.06
N ASN B 22 -17.90 3.21 31.32
CA ASN B 22 -16.49 2.77 31.18
C ASN B 22 -16.21 2.51 29.72
N ILE B 23 -15.15 3.15 29.20
CA ILE B 23 -14.75 3.02 27.78
C ILE B 23 -13.25 3.29 27.65
N ALA B 24 -12.54 2.39 27.00
CA ALA B 24 -11.08 2.45 26.82
C ALA B 24 -10.68 3.48 25.76
N GLU B 25 -9.37 3.66 25.65
CA GLU B 25 -8.72 4.59 24.71
C GLU B 25 -8.85 4.03 23.28
N GLY B 26 -8.89 4.90 22.25
CA GLY B 26 -9.00 4.61 20.81
C GLY B 26 -10.40 4.20 20.44
N ILE B 27 -11.40 4.63 21.21
CA ILE B 27 -12.81 4.21 20.93
C ILE B 27 -13.69 5.46 20.93
N THR B 28 -14.45 5.62 19.86
CA THR B 28 -15.46 6.69 19.73
C THR B 28 -16.68 6.27 20.60
N THR B 29 -17.16 7.21 21.41
CA THR B 29 -18.39 7.00 22.22
C THR B 29 -19.53 6.63 21.28
N PRO B 30 -20.23 5.51 21.56
CA PRO B 30 -21.38 5.11 20.75
C PRO B 30 -22.62 6.00 21.01
N THR B 31 -23.62 5.86 20.15
CA THR B 31 -24.98 6.37 20.41
C THR B 31 -25.65 5.48 21.45
N ALA B 32 -26.03 6.03 22.60
CA ALA B 32 -26.61 5.24 23.69
C ALA B 32 -27.42 6.12 24.63
N THR B 33 -28.63 5.68 24.94
CA THR B 33 -29.52 6.27 25.96
C THR B 33 -29.75 5.25 27.06
N PHE B 34 -29.31 5.64 28.26
CA PHE B 34 -29.62 4.94 29.52
C PHE B 34 -30.83 5.58 30.20
N THR B 35 -31.84 4.75 30.45
CA THR B 35 -33.15 5.06 31.07
C THR B 35 -33.22 4.42 32.47
N PHE B 36 -33.68 5.22 33.42
CA PHE B 36 -33.82 4.84 34.83
C PHE B 36 -35.32 4.87 35.09
N LYS B 37 -35.84 3.79 35.63
CA LYS B 37 -37.27 3.63 35.89
C LYS B 37 -37.49 3.64 37.40
N PHE B 38 -38.59 4.22 37.81
CA PHE B 38 -38.98 4.31 39.25
C PHE B 38 -40.32 3.59 39.43
N THR B 39 -40.32 2.53 40.21
CA THR B 39 -41.51 1.67 40.49
C THR B 39 -41.90 1.88 41.95
N GLU B 40 -43.12 2.40 42.18
CA GLU B 40 -43.69 2.60 43.55
C GLU B 40 -43.58 1.28 44.30
N LYS B 41 -43.16 1.32 45.54
CA LYS B 41 -42.98 0.15 46.43
C LYS B 41 -43.86 0.32 47.69
N THR B 42 -44.52 -0.73 48.16
CA THR B 42 -45.32 -0.73 49.42
C THR B 42 -44.37 -1.12 50.57
N GLY B 43 -44.71 -0.79 51.81
CA GLY B 43 -43.99 -1.13 53.03
C GLY B 43 -44.46 -0.27 54.18
N GLN B 44 -43.68 -0.19 55.26
CA GLN B 44 -44.08 0.49 56.51
C GLN B 44 -42.95 1.39 57.04
N SER B 45 -43.26 2.67 57.23
CA SER B 45 -42.34 3.67 57.85
C SER B 45 -42.18 3.35 59.32
N SER B 46 -41.16 3.94 59.95
CA SER B 46 -40.80 3.75 61.37
C SER B 46 -41.89 4.33 62.29
N ASN B 47 -42.66 5.33 61.86
CA ASN B 47 -43.72 5.97 62.68
C ASN B 47 -44.98 5.10 62.75
N GLY B 48 -45.09 4.08 61.88
CA GLY B 48 -46.17 3.09 61.88
C GLY B 48 -47.07 3.18 60.66
N ALA B 49 -47.00 4.32 59.95
CA ALA B 49 -47.79 4.61 58.74
C ALA B 49 -47.31 3.71 57.60
N PRO B 50 -48.16 3.32 56.64
CA PRO B 50 -47.65 2.65 55.46
C PRO B 50 -46.88 3.69 54.64
N TYR B 51 -45.97 3.23 53.79
CA TYR B 51 -45.39 3.99 52.66
C TYR B 51 -46.55 4.58 51.84
N GLN B 52 -46.45 5.87 51.48
CA GLN B 52 -47.48 6.54 50.64
C GLN B 52 -47.22 6.18 49.18
N THR B 53 -48.26 6.19 48.36
CA THR B 53 -48.19 5.79 46.93
C THR B 53 -48.87 6.86 46.07
N GLY B 54 -48.77 6.71 44.76
CA GLY B 54 -49.72 7.32 43.83
C GLY B 54 -49.14 8.56 43.23
N VAL B 55 -47.83 8.74 43.33
CA VAL B 55 -47.14 9.86 42.66
C VAL B 55 -46.06 9.25 41.78
N ALA B 56 -46.23 9.38 40.49
CA ALA B 56 -45.33 8.78 39.48
C ALA B 56 -44.12 9.71 39.34
N ILE B 57 -42.95 9.12 39.13
CA ILE B 57 -41.72 9.79 38.68
C ILE B 57 -41.50 9.41 37.23
N PRO B 58 -41.41 10.37 36.28
CA PRO B 58 -41.12 10.06 34.90
C PRO B 58 -39.87 9.19 34.80
N ASP B 59 -39.82 8.34 33.78
CA ASP B 59 -38.50 7.78 33.36
C ASP B 59 -37.51 8.95 33.10
N ARG B 60 -36.28 8.76 33.51
CA ARG B 60 -35.20 9.76 33.33
C ARG B 60 -34.08 9.11 32.53
N ASN B 61 -33.34 9.91 31.80
CA ASN B 61 -32.40 9.32 30.83
C ASN B 61 -31.18 10.25 30.69
N VAL B 62 -30.03 9.67 30.31
CA VAL B 62 -28.81 10.39 29.90
C VAL B 62 -28.47 9.86 28.51
N GLU B 63 -28.12 10.75 27.58
CA GLU B 63 -27.76 10.42 26.20
C GLU B 63 -26.24 10.67 26.03
N TYR B 64 -25.58 9.69 25.45
CA TYR B 64 -24.16 9.67 25.03
C TYR B 64 -24.16 9.66 23.51
N ASN B 65 -23.14 10.28 22.94
CA ASN B 65 -22.94 10.33 21.47
C ASN B 65 -21.45 10.59 21.22
N LYS B 66 -21.07 10.75 19.95
CA LYS B 66 -19.66 10.78 19.51
C LYS B 66 -18.95 12.02 20.06
N ASN B 67 -19.66 13.03 20.53
CA ASN B 67 -19.03 14.22 21.09
C ASN B 67 -18.71 14.07 22.57
N ASP B 68 -19.05 12.97 23.23
CA ASP B 68 -18.61 12.77 24.63
C ASP B 68 -17.25 12.05 24.67
N HIS B 69 -16.34 12.52 25.51
CA HIS B 69 -14.95 12.07 25.60
C HIS B 69 -14.66 11.68 27.04
N PRO B 70 -13.93 10.56 27.23
CA PRO B 70 -13.61 10.11 28.56
C PRO B 70 -12.43 10.82 29.24
N THR B 71 -12.40 10.66 30.57
CA THR B 71 -11.30 10.98 31.50
C THR B 71 -11.16 9.76 32.39
N ALA B 72 -9.92 9.27 32.54
CA ALA B 72 -9.60 8.04 33.28
C ALA B 72 -10.54 6.91 32.84
N ASP B 73 -10.83 6.81 31.55
CA ASP B 73 -11.55 5.65 30.96
C ASP B 73 -13.02 5.62 31.43
N LYS B 74 -13.61 6.77 31.72
CA LYS B 74 -15.01 6.90 32.16
C LYS B 74 -15.61 8.14 31.53
N ILE B 75 -16.89 8.06 31.15
CA ILE B 75 -17.70 9.25 30.84
C ILE B 75 -18.86 9.27 31.83
N GLN B 76 -18.89 10.30 32.64
CA GLN B 76 -19.97 10.54 33.61
C GLN B 76 -20.95 11.58 33.10
N LYS B 77 -22.23 11.20 33.04
CA LYS B 77 -23.33 12.10 32.68
C LYS B 77 -24.50 11.85 33.64
N ALA B 78 -25.08 12.95 34.07
CA ALA B 78 -26.14 13.07 35.09
C ALA B 78 -27.45 13.36 34.41
N THR B 79 -28.54 12.86 34.96
CA THR B 79 -29.89 13.35 34.60
C THR B 79 -30.04 14.82 35.00
N GLU B 80 -31.14 15.47 34.66
CA GLU B 80 -31.54 16.70 35.38
C GLU B 80 -32.22 16.30 36.70
N ASP B 81 -32.74 17.25 37.48
CA ASP B 81 -33.51 16.95 38.71
C ASP B 81 -34.60 15.92 38.39
N ILE B 82 -34.60 14.83 39.14
CA ILE B 82 -35.52 13.70 38.92
C ILE B 82 -36.93 14.07 39.39
N PHE B 83 -37.06 15.11 40.21
CA PHE B 83 -38.36 15.57 40.72
C PHE B 83 -38.88 16.73 39.84
N SER B 84 -38.24 17.01 38.71
CA SER B 84 -38.69 18.09 37.82
C SER B 84 -40.14 17.80 37.44
N GLY B 85 -41.09 18.73 37.67
CA GLY B 85 -42.50 18.57 37.27
C GLY B 85 -43.27 17.53 38.11
N VAL B 86 -42.68 16.97 39.16
CA VAL B 86 -43.34 16.00 40.05
C VAL B 86 -43.91 16.80 41.23
N ALA B 87 -45.16 16.57 41.62
CA ALA B 87 -45.78 17.30 42.74
C ALA B 87 -46.40 16.29 43.67
N TYR B 88 -45.96 16.23 44.92
CA TYR B 88 -46.65 15.37 45.93
C TYR B 88 -47.92 16.09 46.42
N GLY B 89 -48.85 15.36 47.00
CA GLY B 89 -50.16 15.90 47.41
C GLY B 89 -50.24 15.95 48.91
N HIS B 90 -49.62 14.99 49.59
CA HIS B 90 -49.72 14.87 51.06
C HIS B 90 -48.46 14.25 51.65
N ALA B 91 -48.27 14.51 52.92
CA ALA B 91 -47.01 14.16 53.62
C ALA B 91 -46.92 12.64 53.80
N GLY B 92 -45.69 12.16 53.93
CA GLY B 92 -45.37 10.76 54.21
C GLY B 92 -44.09 10.35 53.49
N GLU B 93 -43.78 9.05 53.53
CA GLU B 93 -42.54 8.44 53.02
C GLU B 93 -42.97 7.75 51.73
N TYR B 94 -42.52 8.27 50.58
CA TYR B 94 -42.76 7.62 49.26
C TYR B 94 -41.51 6.85 48.88
N VAL B 95 -41.65 5.57 48.58
CA VAL B 95 -40.50 4.70 48.26
C VAL B 95 -40.64 4.13 46.83
N TYR B 96 -39.54 4.08 46.12
CA TYR B 96 -39.47 3.53 44.73
C TYR B 96 -38.28 2.60 44.63
N ASP B 97 -38.44 1.53 43.88
CA ASP B 97 -37.34 0.75 43.26
C ASP B 97 -36.88 1.52 42.02
N VAL B 98 -35.58 1.83 41.98
CA VAL B 98 -34.89 2.50 40.84
C VAL B 98 -34.02 1.45 40.12
N ALA B 99 -34.33 1.15 38.87
CA ALA B 99 -33.62 0.19 38.00
C ALA B 99 -33.21 0.89 36.70
N GLU B 100 -32.19 0.38 36.05
CA GLU B 100 -31.76 0.86 34.72
C GLU B 100 -32.33 -0.09 33.68
N ALA B 101 -32.96 0.43 32.64
CA ALA B 101 -33.54 -0.46 31.60
C ALA B 101 -32.43 -1.01 30.68
N LYS B 102 -32.68 -2.08 29.94
CA LYS B 102 -31.66 -2.70 29.05
C LYS B 102 -31.87 -2.17 27.63
N THR B 103 -32.23 -0.92 27.50
CA THR B 103 -32.66 -0.29 26.23
C THR B 103 -31.74 0.91 25.85
N GLY B 104 -31.93 1.47 24.66
CA GLY B 104 -31.32 2.72 24.17
C GLY B 104 -30.03 2.60 23.35
N TRP B 105 -29.58 1.39 22.99
CA TRP B 105 -28.31 1.15 22.29
C TRP B 105 -28.43 -0.09 21.41
N GLN B 106 -27.84 -0.01 20.24
CA GLN B 106 -27.73 -1.09 19.26
C GLN B 106 -26.29 -1.26 18.80
N ALA B 107 -25.86 -2.51 18.69
CA ALA B 107 -24.51 -2.93 18.31
C ALA B 107 -24.24 -2.41 16.88
N ILE B 108 -22.99 -2.03 16.59
CA ILE B 108 -22.51 -1.89 15.19
C ILE B 108 -22.38 -3.32 14.61
N THR B 109 -23.16 -3.58 13.56
CA THR B 109 -23.23 -4.88 12.87
C THR B 109 -22.91 -4.65 11.40
N LYS B 110 -22.21 -5.60 10.79
CA LYS B 110 -21.98 -5.63 9.34
C LYS B 110 -21.94 -7.09 8.92
N ASN B 111 -22.76 -7.50 7.94
CA ASN B 111 -22.77 -8.91 7.42
C ASN B 111 -22.98 -9.90 8.59
N GLY B 112 -23.93 -9.59 9.49
CA GLY B 112 -24.33 -10.39 10.67
C GLY B 112 -23.25 -10.54 11.75
N LYS B 113 -22.13 -9.81 11.66
CA LYS B 113 -21.10 -9.78 12.73
C LYS B 113 -21.23 -8.46 13.50
N THR B 114 -21.26 -8.56 14.83
CA THR B 114 -21.23 -7.37 15.73
C THR B 114 -19.80 -7.07 16.16
N ILE B 115 -19.44 -5.80 16.28
CA ILE B 115 -18.05 -5.47 16.63
C ILE B 115 -17.98 -4.81 17.98
N ASP B 116 -19.06 -4.73 18.71
CA ASP B 116 -19.08 -4.00 19.98
C ASP B 116 -20.13 -4.62 20.89
N ALA B 117 -20.14 -4.18 22.15
CA ALA B 117 -20.92 -4.78 23.24
C ALA B 117 -21.09 -3.76 24.38
N MET B 118 -22.21 -3.88 25.07
CA MET B 118 -22.55 -3.02 26.23
C MET B 118 -22.98 -3.92 27.40
N ARG B 119 -22.31 -3.78 28.52
CA ARG B 119 -22.67 -4.45 29.77
C ARG B 119 -23.51 -3.48 30.60
N TYR B 120 -24.77 -3.85 30.86
CA TYR B 120 -25.79 -3.05 31.59
C TYR B 120 -25.70 -3.37 33.08
N ASP B 121 -25.68 -2.34 33.90
CA ASP B 121 -25.76 -2.50 35.36
C ASP B 121 -27.07 -3.28 35.72
N LYS B 122 -26.94 -4.32 36.55
CA LYS B 122 -28.11 -5.13 37.02
C LYS B 122 -28.56 -4.71 38.43
N ARG B 123 -27.84 -3.82 39.07
CA ARG B 123 -28.16 -3.43 40.43
C ARG B 123 -29.46 -2.57 40.41
N THR B 124 -30.25 -2.67 41.49
CA THR B 124 -31.44 -1.82 41.70
C THR B 124 -31.33 -1.20 43.09
N TYR B 125 -32.00 -0.10 43.27
CA TYR B 125 -31.96 0.67 44.54
C TYR B 125 -33.39 0.98 45.02
N GLU B 126 -33.45 1.22 46.30
CA GLU B 126 -34.67 1.70 46.98
C GLU B 126 -34.44 3.18 47.21
N MET B 127 -35.25 4.04 46.60
CA MET B 127 -35.18 5.50 46.84
C MET B 127 -36.27 5.88 47.84
N HIS B 128 -35.89 6.49 48.95
CA HIS B 128 -36.83 7.01 49.98
C HIS B 128 -36.95 8.50 49.80
N VAL B 129 -38.20 8.92 49.57
CA VAL B 129 -38.61 10.33 49.44
C VAL B 129 -39.45 10.73 50.67
N ILE B 130 -38.89 11.58 51.52
CA ILE B 130 -39.57 12.03 52.73
C ILE B 130 -40.27 13.36 52.42
N VAL B 131 -41.60 13.32 52.40
CA VAL B 131 -42.43 14.51 52.11
C VAL B 131 -43.05 14.96 53.43
N LYS B 132 -42.97 16.24 53.66
CA LYS B 132 -43.35 16.93 54.92
C LYS B 132 -44.31 18.08 54.61
N ASN B 133 -45.13 18.47 55.58
CA ASN B 133 -46.05 19.63 55.46
C ASN B 133 -45.21 20.90 55.57
N LYS B 134 -45.48 21.87 54.70
CA LYS B 134 -45.07 23.27 54.93
C LYS B 134 -45.99 23.80 56.04
N VAL B 135 -45.46 24.64 56.94
CA VAL B 135 -46.27 25.18 58.08
C VAL B 135 -47.60 25.78 57.57
N ASN B 136 -47.58 26.58 56.50
CA ASN B 136 -48.79 27.32 56.05
C ASN B 136 -49.60 26.62 54.96
N GLY B 137 -49.38 25.33 54.70
CA GLY B 137 -50.10 24.64 53.63
C GLY B 137 -49.19 24.11 52.52
N GLY B 138 -49.60 22.98 51.93
CA GLY B 138 -48.85 22.27 50.91
C GLY B 138 -47.72 21.46 51.53
N VAL B 139 -46.94 20.85 50.65
CA VAL B 139 -45.94 19.81 51.04
C VAL B 139 -44.64 20.13 50.29
N TYR B 140 -43.57 19.50 50.71
CA TYR B 140 -42.27 19.71 50.08
C TYR B 140 -41.41 18.48 50.33
N ILE B 141 -40.47 18.30 49.42
CA ILE B 141 -39.56 17.12 49.48
C ILE B 141 -38.46 17.55 50.45
N SER B 142 -38.46 16.93 51.62
CA SER B 142 -37.61 17.30 52.78
C SER B 142 -36.26 16.56 52.71
N SER B 143 -36.30 15.27 52.43
CA SER B 143 -35.05 14.50 52.32
C SER B 143 -35.22 13.32 51.36
N VAL B 144 -34.13 12.95 50.71
CA VAL B 144 -34.09 11.77 49.82
C VAL B 144 -32.82 10.99 50.12
N TYR B 145 -32.91 9.68 50.14
CA TYR B 145 -31.72 8.80 50.20
C TYR B 145 -31.98 7.55 49.36
N PHE B 146 -30.91 6.79 49.15
CA PHE B 146 -30.92 5.54 48.41
C PHE B 146 -30.22 4.44 49.22
N LYS B 147 -30.71 3.22 49.13
CA LYS B 147 -30.02 1.99 49.59
C LYS B 147 -30.10 0.93 48.48
N GLU B 148 -29.07 0.12 48.33
CA GLU B 148 -29.06 -0.93 47.28
C GLU B 148 -30.00 -2.03 47.71
N ASN B 149 -30.81 -2.54 46.79
CA ASN B 149 -31.63 -3.76 46.98
C ASN B 149 -30.72 -4.99 46.96
N ASN B 150 -31.21 -6.11 47.51
CA ASN B 150 -30.58 -7.46 47.57
C ASN B 150 -29.16 -7.34 48.16
N LYS B 151 -29.07 -6.68 49.31
CA LYS B 151 -27.83 -6.48 50.07
C LYS B 151 -28.13 -6.69 51.55
N SER B 152 -27.31 -7.42 52.29
CA SER B 152 -27.50 -7.54 53.76
C SER B 152 -27.01 -6.25 54.44
N ASN B 153 -27.86 -5.67 55.30
CA ASN B 153 -27.57 -4.43 56.06
C ASN B 153 -27.09 -3.36 55.07
N ALA B 154 -27.86 -3.10 54.01
CA ALA B 154 -27.41 -2.14 52.99
C ALA B 154 -27.18 -0.77 53.65
N PRO B 155 -25.96 -0.15 53.52
CA PRO B 155 -25.76 1.24 53.93
C PRO B 155 -26.36 2.26 52.96
N LYS B 156 -26.60 3.47 53.43
CA LYS B 156 -27.10 4.55 52.55
C LYS B 156 -26.00 4.92 51.56
N VAL B 157 -26.40 5.14 50.31
CA VAL B 157 -25.43 5.44 49.22
C VAL B 157 -24.93 6.86 49.41
N GLU B 158 -23.63 7.00 49.48
CA GLU B 158 -23.02 8.33 49.61
C GLU B 158 -23.04 8.97 48.24
N SER B 159 -23.33 10.25 48.21
CA SER B 159 -23.33 11.01 46.93
C SER B 159 -21.89 11.34 46.46
N SER B 160 -21.69 11.61 45.18
CA SER B 160 -20.40 12.00 44.55
C SER B 160 -20.17 13.51 44.78
N GLU B 161 -21.21 14.30 44.58
CA GLU B 161 -21.24 15.73 44.90
C GLU B 161 -22.65 16.04 45.40
N GLN B 162 -22.93 17.28 45.76
CA GLN B 162 -24.27 17.70 46.28
C GLN B 162 -25.39 17.17 45.37
N GLY B 163 -26.21 16.28 45.91
CA GLY B 163 -27.44 15.88 45.22
C GLY B 163 -27.20 14.98 44.01
N VAL B 164 -26.00 14.42 43.84
CA VAL B 164 -25.62 13.57 42.65
C VAL B 164 -25.18 12.18 43.13
N TYR B 165 -25.89 11.17 42.74
CA TYR B 165 -25.65 9.78 43.17
C TYR B 165 -25.19 8.96 41.96
N ASN B 166 -24.05 8.30 42.12
CA ASN B 166 -23.44 7.45 41.09
C ASN B 166 -24.06 6.06 41.22
N LEU B 167 -25.23 5.88 40.69
CA LEU B 167 -25.99 4.66 40.96
C LEU B 167 -25.65 3.56 39.95
N PHE B 168 -25.41 3.95 38.69
CA PHE B 168 -25.39 3.03 37.52
C PHE B 168 -24.06 3.16 36.76
N ASP B 169 -23.55 2.01 36.39
CA ASP B 169 -22.18 1.75 35.90
C ASP B 169 -22.30 0.70 34.77
N ASN B 170 -22.03 1.15 33.55
CA ASN B 170 -22.11 0.38 32.28
C ASN B 170 -20.72 0.37 31.61
N THR B 171 -20.40 -0.69 30.90
CA THR B 171 -19.14 -0.85 30.16
C THR B 171 -19.38 -1.01 28.65
N TYR B 172 -18.78 -0.13 27.87
CA TYR B 172 -18.80 -0.30 26.41
C TYR B 172 -17.47 -0.90 25.98
N THR B 173 -17.48 -1.95 25.19
CA THR B 173 -16.26 -2.53 24.58
C THR B 173 -16.46 -2.58 23.07
N LYS B 174 -15.35 -2.53 22.32
CA LYS B 174 -15.33 -2.52 20.84
C LYS B 174 -14.09 -3.27 20.36
N ASP B 175 -14.22 -4.04 19.30
CA ASP B 175 -13.08 -4.74 18.64
C ASP B 175 -12.18 -3.76 17.92
N ALA B 176 -10.90 -4.08 17.90
CA ALA B 176 -9.88 -3.26 17.24
C ALA B 176 -9.97 -3.45 15.73
N SER B 177 -9.66 -2.37 14.99
CA SER B 177 -9.33 -2.40 13.54
C SER B 177 -10.56 -2.54 12.63
N LYS B 178 -11.78 -2.55 13.13
CA LYS B 178 -12.95 -2.84 12.25
C LYS B 178 -13.46 -1.56 11.57
N GLU B 179 -12.85 -0.43 11.83
CA GLU B 179 -13.24 0.86 11.16
C GLU B 179 -12.00 1.47 10.52
N PRO B 180 -11.54 0.97 9.35
CA PRO B 180 -10.27 1.38 8.77
C PRO B 180 -10.23 2.74 8.05
N ASN B 181 -11.38 3.31 7.63
CA ASN B 181 -11.42 4.67 7.01
C ASN B 181 -11.44 5.72 8.14
N PRO B 182 -10.28 6.37 8.46
CA PRO B 182 -10.21 7.28 9.60
C PRO B 182 -11.15 8.47 9.48
N ASP B 183 -11.57 8.82 8.28
CA ASP B 183 -12.50 9.94 7.99
C ASP B 183 -13.98 9.51 7.87
N ASP B 184 -14.32 8.21 7.80
CA ASP B 184 -15.72 7.71 7.68
C ASP B 184 -15.85 6.42 8.48
N PRO B 185 -16.23 6.54 9.78
CA PRO B 185 -16.48 5.37 10.60
C PRO B 185 -17.62 4.44 10.11
N SER B 186 -18.45 4.88 9.18
CA SER B 186 -19.57 4.06 8.67
C SER B 186 -19.05 2.95 7.73
N GLN B 187 -17.82 3.03 7.21
CA GLN B 187 -17.27 1.96 6.33
C GLN B 187 -16.68 0.86 7.22
N VAL B 188 -17.48 -0.08 7.70
CA VAL B 188 -17.00 -1.18 8.59
C VAL B 188 -16.52 -2.39 7.77
N ASP B 189 -15.36 -2.91 8.13
CA ASP B 189 -14.75 -4.17 7.60
C ASP B 189 -14.72 -5.18 8.74
N PRO B 190 -15.72 -6.06 8.85
CA PRO B 190 -15.80 -6.96 9.99
C PRO B 190 -14.73 -8.07 9.99
N ASN B 191 -14.06 -8.28 8.87
CA ASN B 191 -13.05 -9.37 8.74
C ASN B 191 -11.63 -8.82 8.92
N ALA B 192 -11.42 -7.59 9.36
CA ALA B 192 -10.06 -7.05 9.57
C ALA B 192 -9.44 -7.71 10.80
N LYS B 193 -8.12 -7.88 10.79
CA LYS B 193 -7.35 -8.48 11.91
C LYS B 193 -7.03 -7.44 12.96
N ALA B 194 -6.91 -7.79 14.23
CA ALA B 194 -6.59 -6.82 15.29
C ALA B 194 -5.24 -6.17 15.01
N LEU B 195 -4.20 -6.94 14.78
CA LEU B 195 -2.85 -6.39 14.65
C LEU B 195 -2.03 -7.29 13.71
N THR B 196 -1.25 -6.69 12.79
CA THR B 196 -0.26 -7.42 11.97
C THR B 196 1.11 -6.77 12.11
N ILE B 197 2.14 -7.59 12.35
CA ILE B 197 3.56 -7.12 12.42
C ILE B 197 4.31 -7.81 11.30
N THR B 198 4.75 -7.04 10.30
CA THR B 198 5.40 -7.60 9.10
C THR B 198 6.91 -7.32 9.12
N LYS B 199 7.66 -8.30 8.64
CA LYS B 199 9.13 -8.19 8.67
C LYS B 199 9.65 -8.00 7.25
N LYS B 200 10.58 -7.09 7.09
CA LYS B 200 11.19 -6.85 5.78
C LYS B 200 12.70 -6.76 5.96
N VAL B 201 13.43 -7.51 5.13
CA VAL B 201 14.91 -7.38 5.12
C VAL B 201 15.29 -6.43 3.97
N ASP B 202 16.03 -5.38 4.30
CA ASP B 202 16.43 -4.34 3.32
C ASP B 202 17.95 -4.40 3.08
N GLY B 203 18.36 -4.74 1.85
CA GLY B 203 19.79 -4.69 1.51
C GLY B 203 20.25 -5.90 0.70
N ALA B 204 21.15 -5.65 -0.25
CA ALA B 204 21.71 -6.65 -1.16
C ALA B 204 22.39 -7.74 -0.32
N SER B 205 22.92 -7.39 0.87
CA SER B 205 23.65 -8.33 1.79
C SER B 205 22.73 -8.93 2.86
N GLY B 206 21.44 -8.62 2.89
CA GLY B 206 20.54 -9.04 3.97
C GLY B 206 20.19 -10.52 3.86
N ASP B 207 20.24 -11.25 4.97
CA ASP B 207 19.88 -12.67 5.07
C ASP B 207 18.36 -12.82 5.03
N LYS B 208 17.82 -13.29 3.91
CA LYS B 208 16.40 -13.49 3.69
C LYS B 208 15.93 -14.89 3.99
N THR B 209 16.74 -15.77 4.60
CA THR B 209 16.24 -17.06 5.11
C THR B 209 16.33 -17.11 6.64
N ARG B 210 17.11 -16.25 7.30
CA ARG B 210 17.18 -16.37 8.76
C ARG B 210 15.90 -15.90 9.47
N ASP B 211 15.79 -16.38 10.71
CA ASP B 211 14.80 -15.95 11.73
C ASP B 211 15.33 -14.73 12.48
N PHE B 212 14.44 -13.76 12.69
CA PHE B 212 14.65 -12.59 13.58
C PHE B 212 13.77 -12.86 14.80
N GLN B 213 14.23 -12.57 15.99
CA GLN B 213 13.49 -12.96 17.20
C GLN B 213 12.70 -11.75 17.74
N PHE B 214 11.45 -12.02 18.11
CA PHE B 214 10.51 -11.04 18.66
C PHE B 214 9.93 -11.54 19.98
N HIS B 215 9.74 -10.58 20.87
CA HIS B 215 8.93 -10.72 22.08
C HIS B 215 7.80 -9.70 22.03
N ILE B 216 6.57 -10.14 22.31
CA ILE B 216 5.42 -9.21 22.40
C ILE B 216 4.71 -9.39 23.76
N LYS B 217 4.35 -8.27 24.37
CA LYS B 217 3.42 -8.18 25.53
C LYS B 217 2.21 -7.33 25.09
N ILE B 218 1.02 -7.90 25.21
CA ILE B 218 -0.26 -7.22 24.96
C ILE B 218 -0.93 -6.99 26.30
N GLN B 219 -1.28 -5.73 26.56
CA GLN B 219 -2.07 -5.30 27.74
C GLN B 219 -3.52 -5.08 27.30
N LEU B 220 -4.45 -5.92 27.76
CA LEU B 220 -5.91 -5.68 27.56
C LEU B 220 -6.30 -4.46 28.40
N PRO B 221 -7.29 -3.68 27.97
CA PRO B 221 -7.65 -2.47 28.70
C PRO B 221 -8.40 -2.78 30.00
N SER B 222 -8.56 -1.73 30.81
CA SER B 222 -9.27 -1.76 32.11
C SER B 222 -10.73 -2.20 31.92
N THR B 223 -11.35 -1.90 30.77
CA THR B 223 -12.78 -2.27 30.54
C THR B 223 -12.98 -3.78 30.37
N ASN B 224 -11.93 -4.57 30.13
CA ASN B 224 -12.03 -6.03 29.89
C ASN B 224 -12.66 -6.71 31.12
N LYS B 225 -12.21 -6.37 32.32
CA LYS B 225 -12.74 -6.88 33.59
C LYS B 225 -14.27 -6.68 33.68
N THR B 226 -14.78 -5.55 33.19
CA THR B 226 -16.21 -5.19 33.33
C THR B 226 -16.98 -5.44 32.04
N ALA B 227 -16.39 -6.14 31.07
CA ALA B 227 -17.01 -6.31 29.74
C ALA B 227 -18.21 -7.24 29.80
N GLU B 228 -19.11 -7.14 28.84
CA GLU B 228 -20.21 -8.11 28.79
C GLU B 228 -19.58 -9.51 28.71
N THR B 229 -18.58 -9.69 27.85
CA THR B 229 -17.88 -11.00 27.68
C THR B 229 -16.39 -10.70 27.78
N PRO B 230 -15.77 -10.81 28.98
CA PRO B 230 -14.35 -10.57 29.12
C PRO B 230 -13.50 -11.54 28.28
N VAL B 231 -12.37 -11.05 27.79
CA VAL B 231 -11.49 -11.81 26.88
C VAL B 231 -10.54 -12.62 27.76
N THR B 232 -10.52 -13.92 27.57
CA THR B 232 -9.72 -14.87 28.37
C THR B 232 -8.70 -15.59 27.47
N ASN B 233 -8.82 -15.45 26.15
CA ASN B 233 -8.00 -16.12 25.10
C ASN B 233 -7.77 -15.19 23.92
N ILE B 234 -6.61 -15.31 23.29
CA ILE B 234 -6.36 -14.69 21.94
C ILE B 234 -5.75 -15.71 20.99
N ILE B 235 -5.86 -15.46 19.71
CA ILE B 235 -5.37 -16.34 18.64
C ILE B 235 -4.25 -15.57 17.96
N VAL B 236 -3.07 -16.15 17.89
CA VAL B 236 -1.96 -15.56 17.10
C VAL B 236 -1.56 -16.51 15.97
N LYS B 237 -1.13 -15.96 14.81
CA LYS B 237 -0.63 -16.74 13.67
C LYS B 237 0.71 -16.16 13.21
N HIS B 238 1.65 -17.02 12.82
CA HIS B 238 2.97 -16.60 12.27
C HIS B 238 3.49 -17.72 11.37
N GLY B 239 3.80 -17.40 10.13
CA GLY B 239 4.16 -18.43 9.15
C GLY B 239 2.95 -19.32 8.99
N SER B 240 3.10 -20.60 9.25
CA SER B 240 1.99 -21.54 9.02
C SER B 240 1.46 -22.02 10.37
N LYS B 241 2.04 -21.51 11.45
CA LYS B 241 1.65 -21.87 12.84
C LYS B 241 0.46 -21.02 13.31
N SER B 242 -0.47 -21.60 14.04
CA SER B 242 -1.57 -20.88 14.68
C SER B 242 -1.64 -21.36 16.11
N GLU B 243 -2.07 -20.52 17.04
CA GLU B 243 -1.94 -20.83 18.48
C GLU B 243 -2.91 -20.02 19.34
N VAL B 244 -3.59 -20.70 20.26
CA VAL B 244 -4.47 -20.06 21.27
C VAL B 244 -3.62 -19.79 22.50
N LEU B 245 -3.57 -18.54 22.96
CA LEU B 245 -2.83 -18.11 24.17
C LEU B 245 -3.82 -17.69 25.25
N ALA B 246 -3.48 -18.02 26.50
CA ALA B 246 -4.24 -17.68 27.72
C ALA B 246 -3.94 -16.24 28.13
N VAL B 247 -4.99 -15.51 28.49
CA VAL B 247 -4.84 -14.21 29.19
C VAL B 247 -4.51 -14.50 30.66
N VAL B 248 -3.44 -13.92 31.13
CA VAL B 248 -2.99 -14.05 32.54
C VAL B 248 -3.69 -12.97 33.37
N THR B 249 -4.40 -13.35 34.45
CA THR B 249 -5.14 -12.46 35.40
C THR B 249 -4.47 -12.44 36.78
N PRO B 250 -4.60 -11.39 37.64
CA PRO B 250 -5.34 -10.15 37.33
C PRO B 250 -4.68 -9.06 36.44
N ALA B 251 -3.48 -9.24 35.92
CA ALA B 251 -2.80 -8.23 35.05
C ALA B 251 -3.57 -8.02 33.73
N ASP B 252 -4.20 -9.06 33.17
CA ASP B 252 -4.90 -9.06 31.86
C ASP B 252 -3.88 -8.82 30.74
N THR B 253 -2.87 -9.70 30.67
CA THR B 253 -1.70 -9.58 29.75
C THR B 253 -1.47 -10.88 29.03
N VAL B 254 -0.90 -10.79 27.84
CA VAL B 254 -0.36 -11.94 27.09
C VAL B 254 1.07 -11.59 26.67
N GLU B 255 2.01 -12.49 26.96
CA GLU B 255 3.45 -12.37 26.58
C GLU B 255 3.76 -13.55 25.66
N TYR B 256 4.40 -13.30 24.53
CA TYR B 256 4.70 -14.36 23.54
C TYR B 256 6.00 -14.09 22.77
N ASN B 257 6.75 -15.16 22.52
CA ASN B 257 7.99 -15.16 21.70
C ASN B 257 7.66 -15.79 20.36
N PHE B 258 8.11 -15.14 19.29
CA PHE B 258 7.99 -15.64 17.91
C PHE B 258 9.15 -15.12 17.06
N THR B 259 9.30 -15.74 15.91
CA THR B 259 10.30 -15.45 14.87
C THR B 259 9.57 -14.97 13.61
N LEU B 260 10.21 -14.10 12.85
CA LEU B 260 9.79 -13.78 11.47
C LEU B 260 11.05 -13.76 10.59
N LYS B 261 10.92 -14.31 9.39
CA LYS B 261 11.90 -14.19 8.31
C LYS B 261 11.49 -13.00 7.43
N ASP B 262 12.29 -12.59 6.44
CA ASP B 262 11.85 -11.59 5.45
C ASP B 262 10.53 -12.04 4.82
N GLY B 263 9.56 -11.13 4.67
CA GLY B 263 8.28 -11.41 4.01
C GLY B 263 7.25 -12.05 4.93
N GLU B 264 7.55 -12.23 6.20
CA GLU B 264 6.63 -13.00 7.06
C GLU B 264 5.78 -12.09 7.95
N THR B 265 4.63 -12.58 8.37
CA THR B 265 3.66 -11.77 9.15
C THR B 265 3.23 -12.50 10.42
N PHE B 266 3.24 -11.76 11.53
CA PHE B 266 2.62 -12.12 12.82
C PHE B 266 1.26 -11.39 12.87
N THR B 267 0.20 -12.12 13.20
CA THR B 267 -1.18 -11.63 13.19
C THR B 267 -1.82 -11.96 14.52
N VAL B 268 -2.40 -10.96 15.19
CA VAL B 268 -3.33 -11.23 16.33
C VAL B 268 -4.72 -11.10 15.74
N GLU B 269 -5.50 -12.17 15.72
CA GLU B 269 -6.84 -12.22 15.08
C GLU B 269 -7.84 -11.21 15.65
N GLN B 270 -8.11 -11.24 16.95
CA GLN B 270 -9.16 -10.38 17.56
C GLN B 270 -8.65 -9.83 18.87
N LEU B 271 -8.87 -8.55 19.11
CA LEU B 271 -8.54 -7.88 20.38
C LEU B 271 -9.52 -6.74 20.63
N PRO B 272 -9.74 -6.41 21.92
CA PRO B 272 -10.44 -5.17 22.29
C PRO B 272 -9.64 -3.92 21.99
N ALA B 273 -10.30 -2.96 21.33
CA ALA B 273 -9.77 -1.61 21.09
C ALA B 273 -9.49 -1.06 22.49
N GLY B 274 -8.36 -0.41 22.63
CA GLY B 274 -7.84 0.11 23.90
C GLY B 274 -6.71 -0.71 24.43
N SER B 275 -6.49 -1.91 23.87
CA SER B 275 -5.31 -2.77 24.15
C SER B 275 -4.03 -1.97 23.83
N LYS B 276 -2.94 -2.32 24.47
CA LYS B 276 -1.62 -1.78 24.13
C LYS B 276 -0.67 -2.96 23.89
N TYR B 277 0.30 -2.79 22.99
CA TYR B 277 1.39 -3.77 22.82
C TYR B 277 2.77 -3.09 23.05
N THR B 278 3.71 -3.88 23.59
CA THR B 278 5.16 -3.64 23.60
C THR B 278 5.84 -4.80 22.82
N VAL B 279 6.66 -4.46 21.84
CA VAL B 279 7.33 -5.47 20.99
C VAL B 279 8.82 -5.16 20.97
N THR B 280 9.63 -6.19 21.21
CA THR B 280 11.09 -6.04 21.19
C THR B 280 11.69 -7.02 20.18
N GLU B 281 12.43 -6.50 19.20
CA GLU B 281 13.19 -7.37 18.28
C GLU B 281 14.64 -7.48 18.74
N THR B 282 15.14 -8.70 18.84
CA THR B 282 16.54 -8.96 19.29
C THR B 282 17.58 -8.43 18.26
N GLY B 283 18.54 -7.62 18.75
CA GLY B 283 19.72 -7.16 18.01
C GLY B 283 20.44 -8.27 17.28
N VAL B 284 20.76 -8.00 16.00
CA VAL B 284 21.59 -8.86 15.12
C VAL B 284 22.76 -8.03 14.55
N ALA B 285 23.97 -8.61 14.57
CA ALA B 285 25.20 -7.96 14.07
C ALA B 285 24.95 -7.39 12.67
N GLY B 286 25.16 -6.09 12.49
CA GLY B 286 25.03 -5.42 11.18
C GLY B 286 23.66 -4.86 10.84
N TYR B 287 22.59 -5.25 11.52
CA TYR B 287 21.25 -4.80 11.12
C TYR B 287 20.88 -3.59 11.98
N THR B 288 20.36 -2.56 11.33
CA THR B 288 19.66 -1.41 11.98
C THR B 288 18.16 -1.58 11.77
N ASP B 289 17.35 -1.67 12.83
CA ASP B 289 15.90 -1.93 12.63
C ASP B 289 15.13 -0.62 12.70
N SER B 290 14.04 -0.54 11.93
CA SER B 290 13.11 0.61 12.00
C SER B 290 11.68 0.08 11.84
N SER B 291 10.71 0.95 12.16
CA SER B 291 9.27 0.63 12.01
C SER B 291 8.54 1.79 11.34
N ILE B 292 7.66 1.46 10.40
CA ILE B 292 6.52 2.32 10.00
C ILE B 292 5.26 1.62 10.56
N TYR B 293 4.55 2.28 11.47
CA TYR B 293 3.41 1.65 12.21
C TYR B 293 2.22 2.59 12.25
N THR B 294 1.04 1.96 12.23
CA THR B 294 -0.27 2.62 12.31
C THR B 294 -0.89 2.24 13.65
N THR B 295 -1.10 3.25 14.49
CA THR B 295 -1.66 3.11 15.84
C THR B 295 -3.00 3.83 15.82
N ASN B 296 -4.10 3.09 15.82
CA ASN B 296 -5.46 3.68 15.79
C ASN B 296 -5.57 4.65 14.60
N GLY B 297 -5.12 4.22 13.44
CA GLY B 297 -5.30 4.95 12.18
C GLY B 297 -4.25 6.04 11.99
N ALA B 298 -3.45 6.37 13.00
CA ALA B 298 -2.36 7.37 12.87
C ALA B 298 -1.06 6.68 12.39
N GLU B 299 -0.47 7.22 11.32
CA GLU B 299 0.80 6.69 10.74
C GLU B 299 1.97 7.26 11.54
N GLN B 300 2.81 6.41 12.12
CA GLN B 300 4.00 6.82 12.92
C GLN B 300 5.25 6.06 12.46
N THR B 301 6.40 6.42 13.01
CA THR B 301 7.73 5.86 12.60
C THR B 301 8.62 5.83 13.82
N SER B 302 9.56 4.88 13.86
CA SER B 302 10.55 4.76 14.96
C SER B 302 11.82 4.13 14.37
N GLN B 303 12.97 4.64 14.77
CA GLN B 303 14.31 4.28 14.22
C GLN B 303 15.10 3.61 15.36
N GLY B 304 15.65 2.42 15.11
CA GLY B 304 16.49 1.70 16.05
C GLY B 304 17.96 1.99 15.83
N GLN B 305 18.76 1.35 16.69
CA GLN B 305 20.23 1.45 16.78
C GLN B 305 20.79 0.17 16.16
N LYS B 306 22.00 0.28 15.59
CA LYS B 306 22.71 -0.87 14.98
C LYS B 306 23.03 -1.93 16.05
N ASN B 307 22.56 -3.14 15.83
CA ASN B 307 22.88 -4.31 16.67
C ASN B 307 22.40 -4.11 18.12
N VAL B 308 21.37 -3.31 18.31
CA VAL B 308 20.76 -3.10 19.65
C VAL B 308 19.30 -3.56 19.60
N ASP B 309 18.82 -4.16 20.68
CA ASP B 309 17.40 -4.58 20.80
C ASP B 309 16.54 -3.37 20.42
N PHE B 310 15.63 -3.55 19.48
CA PHE B 310 14.67 -2.51 19.04
C PHE B 310 13.30 -2.77 19.71
N THR B 311 12.91 -1.85 20.61
CA THR B 311 11.64 -1.90 21.40
C THR B 311 10.70 -0.76 21.00
N LEU B 312 9.44 -1.09 20.75
CA LEU B 312 8.30 -0.13 20.67
C LEU B 312 7.39 -0.40 21.86
N THR B 313 7.08 0.66 22.64
CA THR B 313 6.53 0.54 24.02
C THR B 313 5.12 1.17 24.08
N ASP B 314 4.13 0.45 24.66
CA ASP B 314 2.79 1.00 24.97
C ASP B 314 2.15 1.64 23.72
N ILE B 315 2.06 0.86 22.65
CA ILE B 315 1.46 1.28 21.36
C ILE B 315 -0.04 0.94 21.44
N LEU B 316 -0.88 1.96 21.21
CA LEU B 316 -2.35 1.84 21.28
C LEU B 316 -2.84 0.99 20.11
N ILE B 317 -3.65 -0.04 20.39
CA ILE B 317 -4.45 -0.78 19.36
C ILE B 317 -5.89 -0.26 19.44
N GLY B 318 -6.33 0.59 18.50
CA GLY B 318 -7.67 1.20 18.63
C GLY B 318 -8.68 0.66 17.64
N GLU B 319 -9.82 1.33 17.50
CA GLU B 319 -10.90 0.92 16.57
C GLU B 319 -10.48 1.08 15.12
N LYS B 320 -9.52 1.94 14.84
CA LYS B 320 -9.07 2.16 13.45
C LYS B 320 -7.93 1.16 13.12
N LYS B 321 -7.20 1.39 12.02
CA LYS B 321 -6.16 0.50 11.47
C LYS B 321 -5.03 0.32 12.47
N ASN B 322 -4.57 -0.93 12.65
CA ASN B 322 -3.39 -1.23 13.49
C ASN B 322 -2.45 -2.16 12.74
N ASP B 323 -1.27 -1.71 12.38
CA ASP B 323 -0.26 -2.57 11.70
C ASP B 323 1.13 -2.05 12.06
N ASN B 324 2.13 -2.86 11.71
CA ASN B 324 3.55 -2.56 11.98
C ASN B 324 4.42 -3.27 10.93
N LYS B 325 5.17 -2.47 10.16
CA LYS B 325 6.21 -2.98 9.24
C LYS B 325 7.57 -2.72 9.88
N VAL B 326 8.23 -3.79 10.34
CA VAL B 326 9.59 -3.73 10.91
C VAL B 326 10.59 -4.00 9.76
N THR B 327 11.45 -3.04 9.48
CA THR B 327 12.47 -3.18 8.42
C THR B 327 13.83 -3.46 9.08
N ASN B 328 14.48 -4.56 8.71
CA ASN B 328 15.85 -4.89 9.19
C ASN B 328 16.83 -4.51 8.08
N LYS B 329 17.64 -3.49 8.30
CA LYS B 329 18.48 -2.92 7.21
C LYS B 329 19.96 -3.23 7.42
N ILE B 330 20.63 -3.58 6.34
CA ILE B 330 22.10 -3.83 6.41
C ILE B 330 22.81 -3.13 5.25
N ASP B 331 23.93 -2.48 5.49
CA ASP B 331 24.77 -1.88 4.42
C ASP B 331 25.55 -3.00 3.69
N ASP B 332 25.99 -2.73 2.45
CA ASP B 332 26.73 -3.69 1.56
C ASP B 332 28.11 -4.06 2.14
I IOD C . 40.96 -5.83 -55.90
S SO4 D . -25.91 -3.52 -10.27
O1 SO4 D . -27.06 -3.04 -10.97
O2 SO4 D . -26.29 -4.23 -9.07
O3 SO4 D . -25.07 -2.41 -9.92
O4 SO4 D . -25.17 -4.41 -11.15
S SO4 E . 19.70 22.04 -19.75
O1 SO4 E . 18.63 22.84 -20.34
O2 SO4 E . 19.43 21.84 -18.36
O3 SO4 E . 20.97 22.76 -19.89
O4 SO4 E . 19.79 20.77 -20.42
I IOD F . -13.05 2.02 3.11
I IOD G . -21.67 15.80 -6.78
I IOD H . 2.66 20.52 -23.15
I IOD I . 6.05 22.74 -22.83
I IOD J . 0.34 -5.93 -20.21
I IOD K . -43.65 18.59 46.09
K K L . 17.53 -4.47 16.35
K K M . -33.04 3.73 27.04
K K N . -4.82 -4.91 11.35
I IOD O . 17.43 -6.96 -2.93
I IOD P . 2.25 -3.25 27.08
#